data_1M5R
#
_entry.id   1M5R
#
_cell.length_a   83.0
_cell.length_b   55.9
_cell.length_c   99.5
_cell.angle_alpha   90
_cell.angle_beta   91.1
_cell.angle_gamma   90
#
_symmetry.space_group_name_H-M   'P 1 21 1'
#
loop_
_entity.id
_entity.type
_entity.pdbx_description
1 polymer "5'-D(*GP*AP*TP*AP*CP*TP*3DRP*AP*GP*AP*TP*AP*G)-3'"
2 polymer "5'-D(*CP*TP*AP*TP*CP*TP*GP*AP*GP*TP*AP*TP*C)-3'"
3 polymer 'DNA beta-glucosyltransferase'
4 non-polymer "URIDINE-5'-DIPHOSPHATE"
5 non-polymer 2-AMINO-2-HYDROXYMETHYL-PROPANE-1,3-DIOL
6 non-polymer (4S)-2-METHYL-2,4-PENTANEDIOL
7 water water
#
loop_
_entity_poly.entity_id
_entity_poly.type
_entity_poly.pdbx_seq_one_letter_code
_entity_poly.pdbx_strand_id
1 'polydeoxyribonucleotide' (DG)(DA)(DT)(DA)(DC)(DT)(3DR)(DA)(DG)(DA)(DT)(DA)(DG) C,D
2 'polydeoxyribonucleotide' (DC)(DT)(DA)(DT)(DC)(DT)(DG)(DA)(DG)(DT)(DA)(DT)(DC) E,F
3 'polypeptide(L)'
;MKIAIINMGNNVINFKTVPSSETIYLFKVISEMGLNVDIISLKNGVYTKSFDEVDVNDYDRLIVVNSSINFFGGKPNLAI
LSAQKFMAKYKSKIYYLFTDIRLPFSQSWPNVKNRPWAYLYTEEELLIKSPIKVISQGINLDIAKAAHKKVDNVIEFEYF
PIEQYKIHMNDFQLSKPTKKTLDVIYGGSFRSGQRESKMVEFLFDTGLNIEFFGNAREKQFKNPKYPWTKAPVFTGKIPM
NMVSEKNSQAIAALIIGDKNYNDNFITLRVWETMASDAVMLIDEEFDTKHRIINDARFYVNNRAELIDRVNELKHSDVLR
KEMLSIQHDILNKTRAKKAEWQDAFKKAIDL
;
A,B
#
loop_
_chem_comp.id
_chem_comp.type
_chem_comp.name
_chem_comp.formula
3DR DNA linking 1',2'-DIDEOXYRIBOFURANOSE-5'-PHOSPHATE 'C5 H11 O6 P'
DA DNA linking 2'-DEOXYADENOSINE-5'-MONOPHOSPHATE 'C10 H14 N5 O6 P'
DC DNA linking 2'-DEOXYCYTIDINE-5'-MONOPHOSPHATE 'C9 H14 N3 O7 P'
DG DNA linking 2'-DEOXYGUANOSINE-5'-MONOPHOSPHATE 'C10 H14 N5 O7 P'
DT DNA linking THYMIDINE-5'-MONOPHOSPHATE 'C10 H15 N2 O8 P'
MPD non-polymer (4S)-2-METHYL-2,4-PENTANEDIOL 'C6 H14 O2'
TRS non-polymer 2-AMINO-2-HYDROXYMETHYL-PROPANE-1,3-DIOL 'C4 H12 N O3 1'
UDP RNA linking URIDINE-5'-DIPHOSPHATE 'C9 H14 N2 O12 P2'
#
# COMPACT_ATOMS: atom_id res chain seq x y z
O5' 3DR A 7 16.43 -6.57 -4.04
P 3DR A 7 15.63 -6.69 -2.67
OP1 3DR A 7 15.74 -8.07 -2.17
OP2 3DR A 7 16.04 -5.55 -1.80
C2' 3DR A 7 15.86 -7.33 -8.27
C5' 3DR A 7 16.26 -7.56 -5.05
C4' 3DR A 7 15.18 -7.12 -6.01
O4' 3DR A 7 15.49 -5.80 -6.52
C1' 3DR A 7 15.67 -5.86 -7.93
C3' 3DR A 7 15.01 -8.02 -7.22
O3' 3DR A 7 13.64 -8.01 -7.61
O5' 3DR C 7 -19.59 14.76 8.63
P 3DR C 7 -20.34 15.97 7.88
OP1 3DR C 7 -19.73 16.08 6.53
OP2 3DR C 7 -21.79 15.77 8.01
C2' 3DR C 7 -18.29 12.21 11.46
C5' 3DR C 7 -20.26 13.98 9.60
C4' 3DR C 7 -19.59 14.13 10.95
O4' 3DR C 7 -20.31 13.32 11.90
C1' 3DR C 7 -19.49 12.29 12.40
C3' 3DR C 7 -18.14 13.66 11.02
O3' 3DR C 7 -17.46 14.42 12.03
N MET E 1 23.73 12.42 -32.93
CA MET E 1 23.68 11.16 -32.13
C MET E 1 23.04 11.43 -30.76
N LYS E 2 21.88 10.83 -30.53
CA LYS E 2 21.15 10.99 -29.28
C LYS E 2 20.87 9.59 -28.71
N ILE E 3 21.25 9.38 -27.46
CA ILE E 3 21.08 8.08 -26.80
C ILE E 3 20.08 8.13 -25.65
N ALA E 4 19.30 7.07 -25.52
CA ALA E 4 18.33 6.97 -24.43
C ALA E 4 18.69 5.74 -23.60
N ILE E 5 18.68 5.88 -22.29
CA ILE E 5 18.94 4.75 -21.43
C ILE E 5 17.80 4.70 -20.43
N ILE E 6 17.28 3.50 -20.20
CA ILE E 6 16.20 3.31 -19.26
C ILE E 6 16.44 2.06 -18.45
N ASN E 7 15.76 1.94 -17.32
CA ASN E 7 15.86 0.73 -16.51
C ASN E 7 14.53 0.05 -16.84
N MET E 8 14.57 -1.20 -17.25
CA MET E 8 13.35 -1.89 -17.65
C MET E 8 12.28 -2.14 -16.59
N GLY E 9 12.64 -2.20 -15.31
CA GLY E 9 11.63 -2.48 -14.32
C GLY E 9 11.72 -1.76 -12.98
N ASN E 10 12.47 -0.67 -12.94
CA ASN E 10 12.62 0.08 -11.70
C ASN E 10 12.59 1.58 -11.94
N ASN E 11 11.93 2.30 -11.06
CA ASN E 11 11.86 3.75 -11.18
C ASN E 11 13.28 4.27 -10.97
N VAL E 12 13.59 5.38 -11.63
CA VAL E 12 14.91 6.00 -11.51
C VAL E 12 14.72 7.42 -10.96
N ILE E 13 15.31 7.69 -9.80
CA ILE E 13 15.21 9.02 -9.21
C ILE E 13 16.56 9.46 -8.64
N ASN E 14 17.09 8.68 -7.72
CA ASN E 14 18.37 9.02 -7.10
C ASN E 14 19.18 7.78 -6.73
N PHE E 15 20.05 7.91 -5.73
CA PHE E 15 20.88 6.79 -5.34
C PHE E 15 20.37 5.97 -4.16
N LYS E 16 19.11 6.16 -3.81
CA LYS E 16 18.51 5.42 -2.69
C LYS E 16 18.24 3.95 -2.99
N THR E 17 18.11 3.59 -4.26
CA THR E 17 17.90 2.20 -4.64
C THR E 17 19.04 1.81 -5.56
N VAL E 18 19.39 0.52 -5.55
CA VAL E 18 20.49 0.06 -6.38
C VAL E 18 20.16 0.14 -7.87
N PRO E 19 18.94 -0.25 -8.28
CA PRO E 19 18.63 -0.18 -9.72
C PRO E 19 18.65 1.25 -10.24
N SER E 20 18.16 2.20 -9.45
CA SER E 20 18.17 3.60 -9.87
C SER E 20 19.62 4.08 -9.96
N SER E 21 20.41 3.74 -8.95
CA SER E 21 21.82 4.13 -8.91
C SER E 21 22.60 3.66 -10.13
N GLU E 22 22.47 2.37 -10.46
CA GLU E 22 23.19 1.82 -11.60
C GLU E 22 22.82 2.57 -12.88
N THR E 23 21.54 2.85 -13.07
CA THR E 23 21.07 3.54 -14.27
C THR E 23 21.69 4.95 -14.34
N ILE E 24 21.72 5.64 -13.20
CA ILE E 24 22.28 6.99 -13.16
C ILE E 24 23.79 6.98 -13.41
N TYR E 25 24.50 6.04 -12.80
CA TYR E 25 25.95 5.95 -13.02
C TYR E 25 26.26 5.67 -14.49
N LEU E 26 25.44 4.84 -15.12
CA LEU E 26 25.65 4.51 -16.52
C LEU E 26 25.40 5.73 -17.39
N PHE E 27 24.36 6.48 -17.03
CA PHE E 27 24.02 7.71 -17.75
C PHE E 27 25.21 8.66 -17.62
N LYS E 28 25.73 8.75 -16.40
CA LYS E 28 26.85 9.63 -16.13
C LYS E 28 28.13 9.25 -16.85
N VAL E 29 28.51 7.99 -16.80
CA VAL E 29 29.74 7.56 -17.45
C VAL E 29 29.64 7.68 -18.98
N ILE E 30 28.45 7.43 -19.52
CA ILE E 30 28.28 7.57 -20.96
C ILE E 30 28.38 9.05 -21.36
N SER E 31 27.82 9.92 -20.52
CA SER E 31 27.88 11.35 -20.76
C SER E 31 29.34 11.79 -20.75
N GLU E 32 30.11 11.24 -19.81
CA GLU E 32 31.51 11.60 -19.70
C GLU E 32 32.37 11.14 -20.88
N MET E 33 31.78 10.33 -21.75
CA MET E 33 32.46 9.86 -22.96
C MET E 33 32.24 10.91 -24.06
N GLY E 34 31.43 11.91 -23.75
CA GLY E 34 31.14 12.95 -24.71
C GLY E 34 29.91 12.66 -25.55
N LEU E 35 29.04 11.78 -25.06
CA LEU E 35 27.82 11.42 -25.78
C LEU E 35 26.60 12.11 -25.19
N ASN E 36 25.63 12.42 -26.05
CA ASN E 36 24.39 13.07 -25.65
C ASN E 36 23.38 12.00 -25.27
N VAL E 37 23.19 11.80 -23.97
CA VAL E 37 22.28 10.77 -23.48
C VAL E 37 21.26 11.27 -22.47
N ASP E 38 20.04 10.72 -22.55
CA ASP E 38 18.96 11.06 -21.61
C ASP E 38 18.56 9.77 -20.90
N ILE E 39 18.12 9.89 -19.65
CA ILE E 39 17.58 8.74 -18.94
C ILE E 39 16.09 8.98 -19.06
N ILE E 40 15.32 7.97 -19.45
CA ILE E 40 13.88 8.13 -19.55
C ILE E 40 13.27 7.26 -18.48
N SER E 41 12.41 7.83 -17.64
CA SER E 41 11.80 7.06 -16.57
C SER E 41 10.33 7.48 -16.41
N LEU E 42 9.70 7.07 -15.31
CA LEU E 42 8.30 7.37 -15.06
C LEU E 42 7.96 8.85 -15.01
N LYS E 43 8.83 9.64 -14.41
CA LYS E 43 8.59 11.07 -14.29
C LYS E 43 9.81 11.92 -14.65
N ASN E 44 9.55 13.19 -14.92
CA ASN E 44 10.59 14.14 -15.23
C ASN E 44 11.24 14.38 -13.87
N GLY E 45 12.56 14.55 -13.85
CA GLY E 45 13.24 14.78 -12.59
C GLY E 45 14.63 15.33 -12.85
N VAL E 46 15.45 15.42 -11.81
CA VAL E 46 16.80 15.93 -11.97
C VAL E 46 17.59 15.17 -13.03
N TYR E 47 17.52 13.84 -12.99
CA TYR E 47 18.26 13.01 -13.94
C TYR E 47 17.42 12.42 -15.05
N THR E 48 16.11 12.60 -14.99
CA THR E 48 15.25 11.96 -15.97
C THR E 48 14.20 12.78 -16.71
N LYS E 49 13.81 12.25 -17.87
CA LYS E 49 12.75 12.82 -18.69
C LYS E 49 11.66 11.76 -18.57
N SER E 50 10.41 12.12 -18.84
CA SER E 50 9.30 11.17 -18.72
C SER E 50 9.04 10.38 -20.01
N PHE E 51 8.64 9.12 -19.86
CA PHE E 51 8.33 8.26 -21.00
C PHE E 51 7.26 8.92 -21.86
N ASP E 52 6.32 9.56 -21.18
CA ASP E 52 5.19 10.22 -21.83
C ASP E 52 5.49 11.58 -22.45
N GLU E 53 6.71 12.05 -22.31
CA GLU E 53 7.05 13.36 -22.85
C GLU E 53 8.10 13.37 -23.95
N VAL E 54 8.58 12.18 -24.32
CA VAL E 54 9.57 12.08 -25.38
C VAL E 54 9.14 11.06 -26.42
N ASP E 55 9.75 11.13 -27.61
CA ASP E 55 9.46 10.19 -28.68
C ASP E 55 10.65 9.25 -28.71
N VAL E 56 10.43 7.99 -28.36
CA VAL E 56 11.51 7.00 -28.32
C VAL E 56 12.28 6.90 -29.62
N ASN E 57 11.63 7.25 -30.73
CA ASN E 57 12.30 7.16 -32.01
C ASN E 57 13.09 8.41 -32.37
N ASP E 58 13.30 9.28 -31.38
CA ASP E 58 14.11 10.47 -31.58
C ASP E 58 15.51 10.11 -31.13
N TYR E 59 15.66 8.89 -30.64
CA TYR E 59 16.95 8.40 -30.16
C TYR E 59 17.55 7.42 -31.16
N ASP E 60 18.84 7.59 -31.42
CA ASP E 60 19.57 6.73 -32.36
C ASP E 60 19.93 5.38 -31.73
N ARG E 61 20.01 5.36 -30.41
CA ARG E 61 20.35 4.13 -29.69
C ARG E 61 19.51 4.05 -28.42
N LEU E 62 18.97 2.87 -28.13
CA LEU E 62 18.17 2.65 -26.93
C LEU E 62 18.85 1.59 -26.07
N ILE E 63 19.34 2.01 -24.92
CA ILE E 63 20.04 1.13 -23.98
C ILE E 63 19.09 0.80 -22.84
N VAL E 64 19.01 -0.47 -22.47
CA VAL E 64 18.09 -0.90 -21.44
C VAL E 64 18.78 -1.67 -20.31
N VAL E 65 18.73 -1.14 -19.10
CA VAL E 65 19.35 -1.82 -17.96
C VAL E 65 18.41 -2.96 -17.57
N ASN E 66 18.97 -4.16 -17.43
CA ASN E 66 18.14 -5.32 -17.11
C ASN E 66 17.29 -5.23 -15.85
N SER E 67 16.22 -6.01 -15.84
CA SER E 67 15.32 -6.06 -14.68
C SER E 67 14.49 -7.33 -14.81
N SER E 68 13.78 -7.65 -13.75
CA SER E 68 12.90 -8.81 -13.76
C SER E 68 11.54 -8.27 -14.15
N ILE E 69 10.58 -9.18 -14.31
CA ILE E 69 9.19 -8.80 -14.61
C ILE E 69 8.47 -9.41 -13.42
N ASN E 70 8.29 -8.60 -12.38
CA ASN E 70 7.68 -9.04 -11.14
C ASN E 70 6.51 -8.15 -10.76
N PHE E 71 5.30 -8.67 -10.90
CA PHE E 71 4.11 -7.91 -10.55
C PHE E 71 3.79 -8.14 -9.08
N PHE E 72 4.55 -7.46 -8.22
CA PHE E 72 4.39 -7.58 -6.78
C PHE E 72 2.93 -7.49 -6.36
N GLY E 73 2.53 -8.37 -5.44
CA GLY E 73 1.16 -8.37 -4.96
C GLY E 73 0.17 -8.74 -6.04
N GLY E 74 0.67 -9.19 -7.20
CA GLY E 74 -0.20 -9.55 -8.30
C GLY E 74 -0.77 -8.31 -8.97
N LYS E 75 -0.32 -7.15 -8.52
CA LYS E 75 -0.78 -5.88 -9.06
C LYS E 75 0.14 -5.33 -10.13
N PRO E 76 -0.38 -4.45 -10.99
CA PRO E 76 0.44 -3.88 -12.07
C PRO E 76 1.70 -3.23 -11.51
N ASN E 77 2.78 -3.30 -12.29
CA ASN E 77 4.06 -2.72 -11.92
C ASN E 77 4.31 -1.68 -13.00
N LEU E 78 4.04 -0.42 -12.68
CA LEU E 78 4.20 0.67 -13.64
C LEU E 78 5.56 0.78 -14.30
N ALA E 79 6.62 0.56 -13.54
CA ALA E 79 7.97 0.67 -14.09
C ALA E 79 8.18 -0.27 -15.28
N ILE E 80 7.88 -1.56 -15.10
CA ILE E 80 8.07 -2.53 -16.18
C ILE E 80 7.09 -2.32 -17.35
N LEU E 81 5.83 -2.03 -17.03
CA LEU E 81 4.84 -1.82 -18.06
C LEU E 81 5.14 -0.59 -18.92
N SER E 82 5.54 0.51 -18.29
CA SER E 82 5.85 1.71 -19.05
C SER E 82 7.12 1.55 -19.86
N ALA E 83 8.11 0.86 -19.29
CA ALA E 83 9.37 0.64 -19.99
C ALA E 83 9.18 -0.22 -21.24
N GLN E 84 8.46 -1.33 -21.11
CA GLN E 84 8.26 -2.20 -22.27
C GLN E 84 7.37 -1.53 -23.31
N LYS E 85 6.44 -0.69 -22.86
CA LYS E 85 5.56 0.03 -23.76
C LYS E 85 6.44 0.98 -24.59
N PHE E 86 7.44 1.57 -23.92
CA PHE E 86 8.38 2.48 -24.55
C PHE E 86 9.26 1.70 -25.54
N MET E 87 9.73 0.53 -25.11
CA MET E 87 10.58 -0.31 -25.94
C MET E 87 9.84 -0.86 -27.17
N ALA E 88 8.57 -1.17 -26.98
CA ALA E 88 7.74 -1.72 -28.06
C ALA E 88 7.57 -0.77 -29.25
N LYS E 89 7.65 0.53 -28.97
CA LYS E 89 7.48 1.53 -30.03
C LYS E 89 8.79 1.87 -30.74
N TYR E 90 9.91 1.46 -30.17
CA TYR E 90 11.21 1.73 -30.77
C TYR E 90 11.38 0.90 -32.04
N LYS E 91 11.83 1.55 -33.11
CA LYS E 91 12.00 0.87 -34.41
C LYS E 91 13.44 0.53 -34.80
N SER E 92 14.31 0.37 -33.80
CA SER E 92 15.70 0.03 -34.08
C SER E 92 16.20 -1.01 -33.09
N LYS E 93 17.47 -1.37 -33.20
CA LYS E 93 18.06 -2.37 -32.32
C LYS E 93 18.16 -1.87 -30.88
N ILE E 94 17.84 -2.74 -29.93
CA ILE E 94 17.90 -2.43 -28.51
C ILE E 94 19.11 -3.10 -27.87
N TYR E 95 19.80 -2.35 -27.04
CA TYR E 95 20.99 -2.85 -26.35
C TYR E 95 20.61 -3.13 -24.89
N TYR E 96 20.56 -4.41 -24.55
CA TYR E 96 20.20 -4.85 -23.21
C TYR E 96 21.44 -5.07 -22.35
N LEU E 97 21.60 -4.28 -21.30
CA LEU E 97 22.76 -4.41 -20.41
C LEU E 97 22.45 -5.51 -19.40
N PHE E 98 23.11 -6.64 -19.58
CA PHE E 98 22.91 -7.82 -18.75
C PHE E 98 23.95 -7.84 -17.64
N THR E 99 23.69 -7.09 -16.58
CA THR E 99 24.60 -6.98 -15.44
C THR E 99 24.32 -7.97 -14.31
N ASP E 100 23.16 -8.60 -14.34
CA ASP E 100 22.76 -9.55 -13.30
C ASP E 100 22.19 -10.81 -13.95
N ILE E 101 22.80 -11.95 -13.65
CA ILE E 101 22.38 -13.23 -14.24
C ILE E 101 20.91 -13.58 -14.01
N ARG E 102 20.32 -13.05 -12.95
CA ARG E 102 18.91 -13.31 -12.61
C ARG E 102 17.94 -12.54 -13.47
N LEU E 103 18.44 -11.54 -14.21
CA LEU E 103 17.60 -10.65 -14.99
C LEU E 103 17.67 -10.68 -16.51
N PRO E 104 17.57 -11.86 -17.13
CA PRO E 104 17.65 -11.87 -18.59
C PRO E 104 16.41 -11.19 -19.21
N PHE E 105 16.54 -10.66 -20.41
CA PHE E 105 15.40 -10.01 -21.04
C PHE E 105 14.26 -11.00 -21.24
N SER E 106 13.03 -10.53 -21.09
CA SER E 106 11.83 -11.34 -21.29
C SER E 106 10.67 -10.41 -21.68
N GLN E 107 9.66 -10.97 -22.32
CA GLN E 107 8.48 -10.21 -22.75
C GLN E 107 7.47 -10.18 -21.62
N SER E 108 6.83 -9.04 -21.39
CA SER E 108 5.83 -8.95 -20.33
C SER E 108 4.44 -9.40 -20.77
N TRP E 109 4.16 -9.28 -22.07
CA TRP E 109 2.83 -9.65 -22.58
C TRP E 109 2.37 -11.05 -22.16
N PRO E 110 3.20 -12.07 -22.38
CA PRO E 110 2.79 -13.43 -22.00
C PRO E 110 2.41 -13.54 -20.52
N ASN E 111 2.94 -12.61 -19.73
CA ASN E 111 2.66 -12.57 -18.29
C ASN E 111 1.38 -11.79 -18.01
N VAL E 112 1.29 -10.61 -18.62
CA VAL E 112 0.14 -9.72 -18.44
C VAL E 112 -1.17 -10.30 -18.97
N LYS E 113 -1.14 -10.85 -20.18
CA LYS E 113 -2.33 -11.41 -20.81
C LYS E 113 -3.14 -12.39 -19.96
N ASN E 114 -2.50 -13.04 -18.99
CA ASN E 114 -3.22 -13.99 -18.14
C ASN E 114 -3.57 -13.40 -16.78
N ARG E 115 -3.43 -12.09 -16.64
CA ARG E 115 -3.74 -11.40 -15.40
C ARG E 115 -5.19 -10.93 -15.44
N PRO E 116 -5.83 -10.73 -14.28
CA PRO E 116 -7.21 -10.27 -14.28
C PRO E 116 -7.33 -8.85 -14.83
N TRP E 117 -6.26 -8.06 -14.64
CA TRP E 117 -6.25 -6.69 -15.14
C TRP E 117 -5.66 -6.61 -16.54
N ALA E 118 -5.63 -7.74 -17.24
CA ALA E 118 -5.09 -7.81 -18.60
C ALA E 118 -5.76 -6.83 -19.56
N TYR E 119 -7.05 -6.59 -19.36
CA TYR E 119 -7.79 -5.68 -20.22
C TYR E 119 -7.20 -4.29 -20.30
N LEU E 120 -6.36 -3.93 -19.34
CA LEU E 120 -5.75 -2.60 -19.32
C LEU E 120 -4.68 -2.44 -20.40
N TYR E 121 -4.18 -3.56 -20.92
CA TYR E 121 -3.15 -3.48 -21.95
C TYR E 121 -3.45 -4.37 -23.14
N THR E 122 -2.65 -4.23 -24.20
CA THR E 122 -2.82 -5.00 -25.41
C THR E 122 -1.47 -5.52 -25.89
N GLU E 123 -1.50 -6.51 -26.77
CA GLU E 123 -0.29 -7.09 -27.32
C GLU E 123 0.48 -6.00 -28.07
N GLU E 124 -0.25 -5.20 -28.84
CA GLU E 124 0.35 -4.13 -29.63
C GLU E 124 1.13 -3.15 -28.76
N GLU E 125 0.61 -2.89 -27.56
CA GLU E 125 1.28 -1.96 -26.64
C GLU E 125 2.53 -2.52 -25.99
N LEU E 126 2.48 -3.79 -25.58
CA LEU E 126 3.60 -4.41 -24.87
C LEU E 126 4.59 -5.30 -25.60
N LEU E 127 4.19 -5.89 -26.72
CA LEU E 127 5.09 -6.80 -27.44
C LEU E 127 6.26 -6.09 -28.11
N ILE E 128 7.48 -6.44 -27.68
CA ILE E 128 8.69 -5.83 -28.23
C ILE E 128 9.20 -6.68 -29.39
N LYS E 129 9.19 -6.09 -30.59
CA LYS E 129 9.60 -6.80 -31.79
C LYS E 129 11.00 -6.46 -32.29
N SER E 130 11.59 -5.38 -31.77
CA SER E 130 12.92 -4.99 -32.19
C SER E 130 13.94 -6.05 -31.84
N PRO E 131 15.01 -6.17 -32.65
CA PRO E 131 16.06 -7.15 -32.39
C PRO E 131 16.83 -6.65 -31.19
N ILE E 132 17.34 -7.55 -30.38
CA ILE E 132 18.06 -7.18 -29.18
C ILE E 132 19.47 -7.71 -29.12
N LYS E 133 20.40 -6.86 -28.72
CA LYS E 133 21.78 -7.27 -28.57
C LYS E 133 22.03 -7.26 -27.08
N VAL E 134 22.43 -8.41 -26.54
CA VAL E 134 22.70 -8.51 -25.11
C VAL E 134 24.17 -8.22 -24.85
N ILE E 135 24.42 -7.24 -24.00
CA ILE E 135 25.80 -6.91 -23.64
C ILE E 135 25.98 -7.56 -22.28
N SER E 136 26.69 -8.69 -22.29
CA SER E 136 26.91 -9.49 -21.09
C SER E 136 28.10 -9.08 -20.23
N GLN E 137 27.82 -8.81 -18.94
CA GLN E 137 28.87 -8.43 -18.02
C GLN E 137 29.74 -9.65 -17.75
N GLY E 138 29.19 -10.82 -18.02
CA GLY E 138 29.92 -12.07 -17.85
C GLY E 138 30.64 -12.42 -19.14
N ILE E 139 31.89 -12.85 -19.01
CA ILE E 139 32.68 -13.19 -20.18
C ILE E 139 32.21 -14.45 -20.90
N ASN E 140 31.51 -15.33 -20.19
CA ASN E 140 31.00 -16.57 -20.76
C ASN E 140 29.70 -16.32 -21.49
N LEU E 141 29.76 -16.22 -22.82
CA LEU E 141 28.57 -15.95 -23.61
C LEU E 141 27.62 -17.14 -23.73
N ASP E 142 28.09 -18.35 -23.41
CA ASP E 142 27.23 -19.52 -23.49
C ASP E 142 26.21 -19.45 -22.35
N ILE E 143 26.66 -18.95 -21.21
CA ILE E 143 25.77 -18.80 -20.07
C ILE E 143 24.76 -17.70 -20.39
N ALA E 144 25.24 -16.61 -20.98
CA ALA E 144 24.36 -15.49 -21.34
C ALA E 144 23.29 -15.95 -22.32
N LYS E 145 23.70 -16.74 -23.32
CA LYS E 145 22.77 -17.24 -24.31
C LYS E 145 21.75 -18.19 -23.68
N ALA E 146 22.23 -19.08 -22.82
CA ALA E 146 21.36 -20.03 -22.16
C ALA E 146 20.30 -19.31 -21.31
N ALA E 147 20.69 -18.19 -20.73
CA ALA E 147 19.76 -17.41 -19.90
C ALA E 147 18.68 -16.77 -20.77
N HIS E 148 18.99 -16.57 -22.04
CA HIS E 148 18.04 -15.96 -22.97
C HIS E 148 17.48 -16.92 -24.01
N LYS E 149 17.53 -18.22 -23.69
CA LYS E 149 17.04 -19.22 -24.63
C LYS E 149 15.55 -19.13 -24.92
N LYS E 150 14.77 -18.64 -23.96
CA LYS E 150 13.33 -18.54 -24.13
C LYS E 150 12.87 -17.39 -25.04
N VAL E 151 13.72 -16.39 -25.23
CA VAL E 151 13.37 -15.26 -26.10
C VAL E 151 13.99 -15.46 -27.47
N ASP E 152 13.28 -15.06 -28.52
CA ASP E 152 13.79 -15.24 -29.88
C ASP E 152 14.23 -14.00 -30.63
N ASN E 153 13.99 -12.81 -30.07
CA ASN E 153 14.40 -11.60 -30.77
C ASN E 153 15.79 -11.12 -30.37
N VAL E 154 16.46 -11.89 -29.52
CA VAL E 154 17.81 -11.56 -29.09
C VAL E 154 18.72 -12.20 -30.13
N ILE E 155 19.33 -11.38 -30.97
CA ILE E 155 20.17 -11.88 -32.04
C ILE E 155 21.68 -11.71 -31.88
N GLU E 156 22.09 -10.93 -30.88
CA GLU E 156 23.51 -10.70 -30.67
C GLU E 156 23.89 -10.80 -29.20
N PHE E 157 25.11 -11.28 -28.96
CA PHE E 157 25.65 -11.44 -27.60
C PHE E 157 27.09 -10.95 -27.62
N GLU E 158 27.43 -10.07 -26.68
CA GLU E 158 28.80 -9.56 -26.61
C GLU E 158 29.20 -9.27 -25.17
N TYR E 159 30.44 -9.61 -24.83
CA TYR E 159 30.94 -9.36 -23.48
C TYR E 159 31.54 -7.96 -23.36
N PHE E 160 31.23 -7.32 -22.24
CA PHE E 160 31.78 -6.01 -21.93
C PHE E 160 31.72 -5.87 -20.42
N PRO E 161 32.86 -5.53 -19.78
CA PRO E 161 32.88 -5.37 -18.31
C PRO E 161 32.21 -4.07 -17.89
N ILE E 162 30.88 -4.07 -17.97
CA ILE E 162 30.06 -2.92 -17.62
C ILE E 162 30.36 -2.32 -16.24
N GLU E 163 30.51 -3.19 -15.24
CA GLU E 163 30.71 -2.77 -13.86
C GLU E 163 31.92 -1.90 -13.56
N GLN E 164 32.82 -1.75 -14.53
CA GLN E 164 33.98 -0.90 -14.32
C GLN E 164 33.61 0.58 -14.30
N TYR E 165 32.35 0.91 -14.62
CA TYR E 165 31.95 2.31 -14.62
C TYR E 165 32.28 2.98 -13.28
N LYS E 166 32.24 2.21 -12.22
CA LYS E 166 32.53 2.72 -10.90
C LYS E 166 33.92 3.37 -10.84
N ILE E 167 34.93 2.67 -11.33
CA ILE E 167 36.30 3.19 -11.29
C ILE E 167 36.67 4.18 -12.38
N HIS E 168 35.87 4.26 -13.44
CA HIS E 168 36.17 5.18 -14.53
C HIS E 168 35.47 6.53 -14.43
N MET E 169 34.61 6.70 -13.42
CA MET E 169 33.91 7.97 -13.23
C MET E 169 34.96 9.06 -13.04
N ASN E 170 34.72 10.23 -13.62
CA ASN E 170 35.66 11.35 -13.51
C ASN E 170 36.04 11.71 -12.07
N ASP E 171 35.08 11.63 -11.16
CA ASP E 171 35.33 11.98 -9.77
C ASP E 171 35.74 10.83 -8.85
N PHE E 172 36.12 9.70 -9.43
CA PHE E 172 36.52 8.57 -8.60
C PHE E 172 37.73 8.89 -7.75
N GLN E 173 37.77 8.30 -6.55
CA GLN E 173 38.90 8.47 -5.66
C GLN E 173 38.94 7.32 -4.65
N LEU E 174 40.14 6.86 -4.34
CA LEU E 174 40.32 5.79 -3.38
C LEU E 174 39.92 6.28 -1.99
N SER E 175 39.49 5.35 -1.14
CA SER E 175 39.10 5.71 0.22
C SER E 175 40.35 5.92 1.07
N LYS E 176 40.27 6.87 2.01
CA LYS E 176 41.38 7.17 2.92
C LYS E 176 41.32 6.22 4.13
N PRO E 177 42.39 6.16 4.92
CA PRO E 177 42.41 5.29 6.11
C PRO E 177 41.18 5.63 6.94
N THR E 178 40.46 4.61 7.39
CA THR E 178 39.23 4.82 8.14
C THR E 178 39.24 4.11 9.48
N LYS E 179 38.62 4.73 10.48
CA LYS E 179 38.56 4.10 11.81
C LYS E 179 37.92 2.73 11.65
N LYS E 180 38.56 1.70 12.21
CA LYS E 180 38.04 0.34 12.11
C LYS E 180 37.12 -0.05 13.26
N THR E 181 35.88 -0.37 12.93
CA THR E 181 34.90 -0.76 13.93
C THR E 181 34.30 -2.15 13.63
N LEU E 182 34.77 -2.76 12.55
CA LEU E 182 34.29 -4.08 12.14
C LEU E 182 35.42 -4.96 11.64
N ASP E 183 35.27 -6.28 11.80
CA ASP E 183 36.27 -7.22 11.33
C ASP E 183 36.01 -7.52 9.86
N VAL E 184 34.74 -7.79 9.53
CA VAL E 184 34.36 -8.13 8.16
C VAL E 184 33.04 -7.45 7.80
N ILE E 185 32.91 -7.07 6.53
CA ILE E 185 31.68 -6.43 6.09
C ILE E 185 31.29 -6.89 4.69
N TYR E 186 30.00 -6.89 4.42
CA TYR E 186 29.46 -7.28 3.13
C TYR E 186 28.14 -6.56 2.93
N GLY E 187 27.97 -5.93 1.77
CA GLY E 187 26.73 -5.22 1.50
C GLY E 187 26.02 -5.75 0.27
N GLY E 188 24.73 -6.02 0.41
CA GLY E 188 23.96 -6.51 -0.72
C GLY E 188 22.58 -6.94 -0.30
N SER E 189 21.85 -7.58 -1.21
CA SER E 189 20.51 -8.06 -0.91
C SER E 189 20.61 -9.57 -0.73
N PHE E 190 19.46 -10.20 -0.49
CA PHE E 190 19.40 -11.65 -0.30
C PHE E 190 19.52 -12.38 -1.64
N ARG E 191 19.34 -11.64 -2.74
CA ARG E 191 19.43 -12.20 -4.08
C ARG E 191 18.60 -13.48 -4.25
N SER E 192 17.44 -13.50 -3.60
CA SER E 192 16.55 -14.66 -3.67
C SER E 192 17.21 -15.96 -3.26
N GLY E 193 18.18 -15.89 -2.35
CA GLY E 193 18.85 -17.08 -1.89
C GLY E 193 19.81 -17.74 -2.87
N GLN E 194 20.08 -17.08 -3.98
CA GLN E 194 20.99 -17.61 -4.99
C GLN E 194 22.41 -17.76 -4.48
N ARG E 195 22.68 -17.16 -3.32
CA ARG E 195 24.02 -17.18 -2.75
C ARG E 195 23.97 -17.51 -1.25
N GLU E 196 22.89 -18.15 -0.81
CA GLU E 196 22.74 -18.46 0.61
C GLU E 196 23.88 -19.27 1.22
N SER E 197 24.29 -20.32 0.53
CA SER E 197 25.38 -21.18 1.01
C SER E 197 26.65 -20.38 1.30
N LYS E 198 27.06 -19.55 0.34
CA LYS E 198 28.25 -18.74 0.48
C LYS E 198 28.11 -17.70 1.58
N MET E 199 26.96 -17.06 1.66
CA MET E 199 26.72 -16.05 2.68
C MET E 199 26.86 -16.67 4.06
N VAL E 200 26.21 -17.82 4.27
CA VAL E 200 26.26 -18.50 5.55
C VAL E 200 27.69 -18.95 5.89
N GLU E 201 28.37 -19.51 4.91
CA GLU E 201 29.74 -19.99 5.10
C GLU E 201 30.71 -18.91 5.60
N PHE E 202 30.73 -17.77 4.92
CA PHE E 202 31.65 -16.69 5.25
C PHE E 202 31.20 -15.57 6.19
N LEU E 203 29.90 -15.45 6.45
CA LEU E 203 29.42 -14.38 7.30
C LEU E 203 28.71 -14.80 8.59
N PHE E 204 28.33 -16.06 8.70
CA PHE E 204 27.63 -16.56 9.87
C PHE E 204 28.51 -17.47 10.74
N ASP E 205 28.20 -17.53 12.03
CA ASP E 205 28.93 -18.37 12.98
C ASP E 205 30.46 -18.28 12.86
N THR E 206 30.98 -17.07 12.63
CA THR E 206 32.42 -16.90 12.49
C THR E 206 33.11 -16.50 13.81
N GLY E 207 32.34 -15.98 14.75
CA GLY E 207 32.93 -15.54 16.01
C GLY E 207 33.56 -14.17 15.85
N LEU E 208 33.50 -13.63 14.63
CA LEU E 208 34.05 -12.30 14.35
C LEU E 208 32.96 -11.24 14.43
N ASN E 209 33.37 -9.99 14.40
CA ASN E 209 32.43 -8.88 14.43
C ASN E 209 32.16 -8.55 12.96
N ILE E 210 31.04 -9.06 12.46
CA ILE E 210 30.68 -8.87 11.06
C ILE E 210 29.39 -8.10 10.86
N GLU E 211 29.36 -7.26 9.83
CA GLU E 211 28.15 -6.51 9.52
C GLU E 211 27.73 -6.82 8.08
N PHE E 212 26.44 -7.05 7.89
CA PHE E 212 25.86 -7.35 6.58
C PHE E 212 24.90 -6.19 6.33
N PHE E 213 25.29 -5.23 5.50
CA PHE E 213 24.40 -4.12 5.22
C PHE E 213 23.70 -4.30 3.88
N GLY E 214 22.60 -3.58 3.70
CA GLY E 214 21.84 -3.69 2.47
C GLY E 214 20.40 -4.09 2.73
N ASN E 215 19.74 -4.65 1.73
CA ASN E 215 18.34 -5.06 1.87
C ASN E 215 18.13 -6.49 2.32
N ALA E 216 19.18 -7.16 2.74
CA ALA E 216 19.04 -8.53 3.21
C ALA E 216 18.55 -8.52 4.66
N ARG E 217 17.79 -9.53 5.03
CA ARG E 217 17.26 -9.64 6.38
C ARG E 217 17.51 -11.01 6.98
N GLU E 218 17.70 -11.03 8.28
CA GLU E 218 17.97 -12.26 9.00
C GLU E 218 16.90 -13.34 8.77
N LYS E 219 15.64 -12.94 8.75
CA LYS E 219 14.53 -13.86 8.56
C LYS E 219 14.60 -14.63 7.23
N GLN E 220 15.29 -14.07 6.25
CA GLN E 220 15.40 -14.68 4.93
C GLN E 220 16.27 -15.94 4.86
N PHE E 221 17.17 -16.10 5.82
CA PHE E 221 18.06 -17.26 5.81
C PHE E 221 17.46 -18.43 6.57
N LYS E 222 16.68 -19.24 5.84
CA LYS E 222 16.01 -20.37 6.47
C LYS E 222 16.13 -21.69 5.72
N ASN E 223 17.06 -21.79 4.78
CA ASN E 223 17.23 -23.04 4.05
C ASN E 223 17.83 -24.04 5.03
N PRO E 224 17.13 -25.15 5.30
CA PRO E 224 17.61 -26.17 6.24
C PRO E 224 18.95 -26.79 5.84
N LYS E 225 19.33 -26.63 4.58
CA LYS E 225 20.58 -27.19 4.10
C LYS E 225 21.79 -26.34 4.51
N TYR E 226 21.55 -25.08 4.88
CA TYR E 226 22.63 -24.18 5.29
C TYR E 226 22.32 -23.60 6.66
N PRO E 227 22.34 -24.46 7.69
CA PRO E 227 22.05 -24.05 9.08
C PRO E 227 23.06 -23.10 9.71
N TRP E 228 22.58 -22.32 10.66
CA TRP E 228 23.43 -21.38 11.36
C TRP E 228 22.79 -21.06 12.70
N THR E 229 23.59 -20.56 13.63
CA THR E 229 23.08 -20.18 14.94
C THR E 229 23.32 -18.72 15.19
N LYS E 230 24.52 -18.25 14.88
CA LYS E 230 24.88 -16.85 15.07
C LYS E 230 24.95 -16.16 13.72
N ALA E 231 24.33 -14.99 13.62
CA ALA E 231 24.31 -14.25 12.38
C ALA E 231 25.15 -12.99 12.49
N PRO E 232 25.49 -12.37 11.35
CA PRO E 232 26.29 -11.15 11.43
C PRO E 232 25.26 -10.08 11.80
N VAL E 233 25.72 -8.86 12.06
CA VAL E 233 24.79 -7.79 12.39
C VAL E 233 24.23 -7.23 11.10
N PHE E 234 22.92 -7.41 10.88
CA PHE E 234 22.30 -6.87 9.67
C PHE E 234 21.89 -5.42 9.88
N THR E 235 22.32 -4.56 8.98
CA THR E 235 21.97 -3.14 9.05
C THR E 235 21.27 -2.75 7.75
N GLY E 236 20.64 -1.58 7.75
CA GLY E 236 19.90 -1.12 6.58
C GLY E 236 20.69 -0.83 5.33
N LYS E 237 19.97 -0.49 4.26
CA LYS E 237 20.62 -0.19 3.00
C LYS E 237 21.11 1.24 3.01
N ILE E 238 22.17 1.49 2.23
CA ILE E 238 22.72 2.83 2.13
C ILE E 238 22.82 3.17 0.63
N PRO E 239 22.93 4.48 0.31
CA PRO E 239 23.04 4.90 -1.09
C PRO E 239 24.26 4.29 -1.75
N MET E 240 24.14 3.89 -3.02
CA MET E 240 25.27 3.27 -3.70
C MET E 240 26.56 4.10 -3.74
N ASN E 241 26.44 5.43 -3.84
CA ASN E 241 27.62 6.28 -3.90
C ASN E 241 28.45 6.24 -2.61
N MET E 242 27.88 5.69 -1.54
CA MET E 242 28.59 5.62 -0.25
C MET E 242 29.11 4.23 0.10
N VAL E 243 28.94 3.27 -0.81
CA VAL E 243 29.35 1.89 -0.54
C VAL E 243 30.83 1.69 -0.19
N SER E 244 31.74 2.32 -0.93
CA SER E 244 33.16 2.15 -0.62
C SER E 244 33.48 2.74 0.75
N GLU E 245 32.84 3.86 1.09
CA GLU E 245 33.08 4.47 2.39
C GLU E 245 32.52 3.60 3.51
N LYS E 246 31.42 2.89 3.22
CA LYS E 246 30.83 2.00 4.21
C LYS E 246 31.74 0.79 4.39
N ASN E 247 32.19 0.22 3.27
CA ASN E 247 33.09 -0.94 3.33
C ASN E 247 34.32 -0.60 4.17
N SER E 248 34.77 0.64 4.05
CA SER E 248 35.96 1.10 4.75
C SER E 248 35.94 1.00 6.28
N GLN E 249 34.77 0.77 6.86
CA GLN E 249 34.66 0.65 8.32
C GLN E 249 35.24 -0.68 8.83
N ALA E 250 35.47 -1.62 7.92
CA ALA E 250 35.96 -2.93 8.30
C ALA E 250 37.40 -3.23 7.92
N ILE E 251 38.00 -4.16 8.64
CA ILE E 251 39.36 -4.61 8.40
C ILE E 251 39.38 -5.26 7.01
N ALA E 252 38.36 -6.06 6.73
CA ALA E 252 38.24 -6.75 5.44
C ALA E 252 36.79 -6.75 4.95
N ALA E 253 36.62 -6.89 3.62
CA ALA E 253 35.29 -6.95 3.02
C ALA E 253 35.28 -8.18 2.11
N LEU E 254 34.19 -8.93 2.18
CA LEU E 254 34.03 -10.18 1.43
C LEU E 254 33.56 -10.09 -0.02
N ILE E 255 34.21 -10.88 -0.88
CA ILE E 255 33.83 -10.97 -2.28
C ILE E 255 33.34 -12.39 -2.57
N ILE E 256 32.05 -12.55 -2.83
CA ILE E 256 31.47 -13.84 -3.19
C ILE E 256 30.50 -13.57 -4.32
N GLY E 257 30.08 -14.61 -5.02
CA GLY E 257 29.16 -14.41 -6.13
C GLY E 257 28.26 -15.61 -6.33
N ASP E 258 27.31 -15.51 -7.25
CA ASP E 258 26.41 -16.62 -7.58
C ASP E 258 27.29 -17.66 -8.28
N LYS E 259 26.86 -18.90 -8.28
CA LYS E 259 27.62 -19.96 -8.92
C LYS E 259 28.03 -19.58 -10.35
N ASN E 260 27.10 -19.05 -11.12
CA ASN E 260 27.38 -18.68 -12.51
C ASN E 260 28.24 -17.43 -12.69
N TYR E 261 28.65 -16.83 -11.58
CA TYR E 261 29.52 -15.65 -11.62
C TYR E 261 30.97 -16.12 -11.52
N ASN E 262 31.19 -17.26 -10.89
CA ASN E 262 32.54 -17.78 -10.71
C ASN E 262 33.33 -17.82 -12.02
N ASP E 263 34.53 -17.24 -12.02
CA ASP E 263 35.39 -17.19 -13.20
C ASP E 263 34.64 -16.68 -14.42
N ASN E 264 33.63 -15.84 -14.20
CA ASN E 264 32.83 -15.34 -15.31
C ASN E 264 32.54 -13.85 -15.19
N PHE E 265 31.83 -13.47 -14.12
CA PHE E 265 31.48 -12.07 -13.87
C PHE E 265 32.44 -11.41 -12.91
N ILE E 266 32.72 -10.14 -13.17
CA ILE E 266 33.46 -9.33 -12.22
C ILE E 266 32.27 -8.47 -11.82
N THR E 267 32.06 -8.25 -10.52
CA THR E 267 30.91 -7.47 -10.07
C THR E 267 31.31 -6.14 -9.47
N LEU E 268 30.32 -5.26 -9.31
CA LEU E 268 30.58 -3.94 -8.74
C LEU E 268 31.36 -3.99 -7.43
N ARG E 269 31.02 -4.95 -6.56
CA ARG E 269 31.69 -5.05 -5.26
C ARG E 269 33.19 -5.28 -5.36
N VAL E 270 33.64 -5.91 -6.45
CA VAL E 270 35.07 -6.12 -6.60
C VAL E 270 35.76 -4.74 -6.61
N TRP E 271 35.24 -3.82 -7.42
CA TRP E 271 35.81 -2.49 -7.51
C TRP E 271 35.52 -1.64 -6.27
N GLU E 272 34.32 -1.78 -5.71
CA GLU E 272 33.96 -0.99 -4.53
C GLU E 272 34.79 -1.40 -3.32
N THR E 273 35.15 -2.67 -3.27
CA THR E 273 35.95 -3.18 -2.15
C THR E 273 37.42 -2.83 -2.39
N MET E 274 37.88 -3.06 -3.62
CA MET E 274 39.27 -2.77 -3.96
C MET E 274 39.61 -1.30 -3.69
N ALA E 275 38.66 -0.41 -3.98
CA ALA E 275 38.86 1.02 -3.78
C ALA E 275 38.70 1.48 -2.33
N SER E 276 38.11 0.63 -1.49
CA SER E 276 37.88 0.97 -0.08
C SER E 276 39.12 0.81 0.80
N ASP E 277 38.97 1.13 2.07
CA ASP E 277 40.04 1.02 3.05
C ASP E 277 39.98 -0.37 3.69
N ALA E 278 39.11 -1.23 3.15
CA ALA E 278 38.97 -2.59 3.66
C ALA E 278 39.74 -3.55 2.74
N VAL E 279 40.48 -4.48 3.32
CA VAL E 279 41.22 -5.44 2.51
C VAL E 279 40.23 -6.37 1.83
N MET E 280 40.40 -6.54 0.53
CA MET E 280 39.51 -7.40 -0.26
C MET E 280 39.84 -8.88 -0.06
N LEU E 281 38.91 -9.65 0.49
CA LEU E 281 39.10 -11.08 0.68
C LEU E 281 38.12 -11.80 -0.23
N ILE E 282 38.67 -12.50 -1.20
CA ILE E 282 37.91 -13.18 -2.23
C ILE E 282 37.77 -14.69 -2.09
N ASP E 283 36.54 -15.17 -2.29
CA ASP E 283 36.24 -16.60 -2.23
C ASP E 283 36.99 -17.23 -3.41
N GLU E 284 37.89 -18.16 -3.10
CA GLU E 284 38.69 -18.85 -4.11
C GLU E 284 37.85 -19.31 -5.31
N GLU E 285 36.67 -19.86 -5.02
CA GLU E 285 35.78 -20.37 -6.04
C GLU E 285 35.33 -19.31 -7.05
N PHE E 286 35.24 -18.07 -6.59
CA PHE E 286 34.81 -16.94 -7.43
C PHE E 286 35.85 -16.56 -8.50
N ASP E 287 37.12 -16.81 -8.21
CA ASP E 287 38.20 -16.45 -9.13
C ASP E 287 39.38 -17.41 -8.94
N THR E 288 39.17 -18.65 -9.39
CA THR E 288 40.15 -19.73 -9.24
C THR E 288 41.55 -19.50 -9.83
N LYS E 289 41.66 -18.64 -10.84
CA LYS E 289 42.95 -18.37 -11.46
C LYS E 289 43.58 -17.11 -10.88
N HIS E 290 42.90 -16.51 -9.89
CA HIS E 290 43.40 -15.29 -9.26
C HIS E 290 43.67 -14.21 -10.30
N ARG E 291 42.70 -13.98 -11.18
CA ARG E 291 42.85 -12.97 -12.22
C ARG E 291 42.65 -11.56 -11.68
N ILE E 292 41.96 -11.45 -10.55
CA ILE E 292 41.69 -10.15 -9.93
C ILE E 292 42.97 -9.55 -9.33
N ILE E 293 43.66 -10.33 -8.51
CA ILE E 293 44.92 -9.91 -7.91
C ILE E 293 45.80 -11.16 -7.77
N ASN E 294 46.97 -11.12 -8.39
CA ASN E 294 47.90 -12.24 -8.36
C ASN E 294 48.66 -12.32 -7.04
N ASP E 295 47.92 -12.53 -5.96
CA ASP E 295 48.50 -12.63 -4.63
C ASP E 295 47.54 -13.48 -3.81
N ALA E 296 47.92 -14.73 -3.55
CA ALA E 296 47.08 -15.67 -2.82
C ALA E 296 46.57 -15.18 -1.47
N ARG E 297 47.25 -14.20 -0.89
CA ARG E 297 46.83 -13.68 0.41
C ARG E 297 45.44 -13.05 0.40
N PHE E 298 44.98 -12.65 -0.78
CA PHE E 298 43.67 -12.03 -0.92
C PHE E 298 42.56 -13.05 -1.10
N TYR E 299 42.91 -14.33 -1.09
CA TYR E 299 41.92 -15.38 -1.31
C TYR E 299 41.71 -16.33 -0.13
N VAL E 300 40.45 -16.70 0.11
CA VAL E 300 40.09 -17.62 1.18
C VAL E 300 39.22 -18.73 0.62
N ASN E 301 39.46 -19.95 1.10
CA ASN E 301 38.72 -21.13 0.64
C ASN E 301 37.49 -21.48 1.43
N ASN E 302 37.44 -21.07 2.70
CA ASN E 302 36.31 -21.38 3.54
C ASN E 302 36.29 -20.49 4.78
N ARG E 303 35.32 -20.74 5.65
CA ARG E 303 35.15 -19.97 6.88
C ARG E 303 36.41 -19.93 7.75
N ALA E 304 37.05 -21.09 7.95
CA ALA E 304 38.24 -21.13 8.79
C ALA E 304 39.37 -20.25 8.23
N GLU E 305 39.56 -20.29 6.92
CA GLU E 305 40.61 -19.48 6.32
C GLU E 305 40.28 -17.99 6.40
N LEU E 306 38.99 -17.65 6.29
CA LEU E 306 38.59 -16.26 6.39
C LEU E 306 38.88 -15.77 7.80
N ILE E 307 38.55 -16.57 8.79
CA ILE E 307 38.79 -16.20 10.18
C ILE E 307 40.28 -15.98 10.45
N ASP E 308 41.11 -16.91 9.99
CA ASP E 308 42.55 -16.80 10.19
C ASP E 308 43.15 -15.59 9.46
N ARG E 309 42.71 -15.36 8.22
CA ARG E 309 43.23 -14.24 7.45
C ARG E 309 42.87 -12.93 8.12
N VAL E 310 41.64 -12.82 8.62
CA VAL E 310 41.22 -11.61 9.28
C VAL E 310 42.01 -11.36 10.57
N ASN E 311 42.26 -12.42 11.33
CA ASN E 311 43.03 -12.25 12.56
C ASN E 311 44.45 -11.84 12.24
N GLU E 312 44.99 -12.35 11.15
CA GLU E 312 46.35 -12.01 10.73
C GLU E 312 46.40 -10.52 10.39
N LEU E 313 45.36 -10.02 9.75
CA LEU E 313 45.28 -8.62 9.37
C LEU E 313 45.13 -7.71 10.58
N LYS E 314 44.39 -8.17 11.59
CA LYS E 314 44.21 -7.37 12.79
C LYS E 314 45.47 -7.38 13.64
N HIS E 315 46.22 -8.47 13.54
CA HIS E 315 47.45 -8.64 14.31
C HIS E 315 48.65 -7.89 13.73
N SER E 316 48.60 -7.60 12.44
CA SER E 316 49.70 -6.90 11.78
C SER E 316 49.29 -5.73 10.89
N ASP E 317 49.43 -4.50 11.40
CA ASP E 317 49.09 -3.33 10.60
C ASP E 317 49.98 -3.25 9.38
N VAL E 318 51.21 -3.73 9.51
CA VAL E 318 52.14 -3.71 8.39
C VAL E 318 51.60 -4.57 7.24
N LEU E 319 51.06 -5.74 7.58
CA LEU E 319 50.49 -6.62 6.57
C LEU E 319 49.25 -6.01 5.96
N ARG E 320 48.38 -5.47 6.81
CA ARG E 320 47.13 -4.87 6.36
C ARG E 320 47.39 -3.69 5.43
N LYS E 321 48.31 -2.82 5.84
CA LYS E 321 48.65 -1.65 5.02
C LYS E 321 49.28 -2.06 3.70
N GLU E 322 50.10 -3.11 3.73
CA GLU E 322 50.76 -3.59 2.51
C GLU E 322 49.72 -4.10 1.52
N MET E 323 48.76 -4.88 2.00
CA MET E 323 47.73 -5.41 1.12
C MET E 323 46.84 -4.32 0.55
N LEU E 324 46.52 -3.32 1.35
CA LEU E 324 45.69 -2.21 0.86
C LEU E 324 46.44 -1.49 -0.27
N SER E 325 47.74 -1.29 -0.07
CA SER E 325 48.57 -0.62 -1.06
C SER E 325 48.55 -1.41 -2.36
N ILE E 326 48.63 -2.73 -2.25
CA ILE E 326 48.63 -3.61 -3.40
C ILE E 326 47.29 -3.58 -4.16
N GLN E 327 46.18 -3.77 -3.46
CA GLN E 327 44.89 -3.74 -4.15
C GLN E 327 44.62 -2.37 -4.77
N HIS E 328 45.10 -1.31 -4.12
CA HIS E 328 44.88 0.03 -4.64
C HIS E 328 45.70 0.23 -5.91
N ASP E 329 46.90 -0.33 -5.92
CA ASP E 329 47.77 -0.22 -7.08
C ASP E 329 47.15 -0.99 -8.25
N ILE E 330 46.63 -2.17 -7.96
CA ILE E 330 46.02 -2.99 -9.01
C ILE E 330 44.82 -2.30 -9.61
N LEU E 331 44.04 -1.62 -8.78
CA LEU E 331 42.86 -0.92 -9.27
C LEU E 331 43.29 0.20 -10.21
N ASN E 332 44.30 0.96 -9.81
CA ASN E 332 44.82 2.05 -10.62
C ASN E 332 45.31 1.59 -11.98
N LYS E 333 45.86 0.38 -12.05
CA LYS E 333 46.34 -0.14 -13.33
C LYS E 333 45.18 -0.32 -14.30
N THR E 334 43.99 -0.64 -13.78
CA THR E 334 42.83 -0.80 -14.66
C THR E 334 42.28 0.58 -15.01
N ARG E 335 42.34 1.51 -14.07
CA ARG E 335 41.87 2.87 -14.32
C ARG E 335 42.70 3.51 -15.41
N ALA E 336 43.94 3.06 -15.54
CA ALA E 336 44.86 3.60 -16.56
C ALA E 336 44.39 3.25 -17.97
N LYS E 337 43.54 2.25 -18.09
CA LYS E 337 43.03 1.80 -19.38
C LYS E 337 41.63 2.34 -19.68
N LYS E 338 41.30 3.46 -19.06
CA LYS E 338 39.99 4.08 -19.25
C LYS E 338 39.61 4.30 -20.71
N ALA E 339 40.51 4.90 -21.49
CA ALA E 339 40.24 5.17 -22.89
C ALA E 339 39.87 3.90 -23.66
N GLU E 340 40.57 2.82 -23.35
CA GLU E 340 40.33 1.53 -24.00
C GLU E 340 38.94 1.03 -23.65
N TRP E 341 38.56 1.22 -22.40
CA TRP E 341 37.25 0.79 -21.91
C TRP E 341 36.13 1.60 -22.56
N GLN E 342 36.32 2.92 -22.65
CA GLN E 342 35.31 3.78 -23.26
C GLN E 342 35.10 3.42 -24.73
N ASP E 343 36.20 3.20 -25.43
CA ASP E 343 36.14 2.86 -26.84
C ASP E 343 35.41 1.53 -27.05
N ALA E 344 35.69 0.56 -26.19
CA ALA E 344 35.05 -0.75 -26.29
C ALA E 344 33.55 -0.63 -26.01
N PHE E 345 33.17 0.25 -25.10
CA PHE E 345 31.75 0.41 -24.82
C PHE E 345 31.07 0.98 -26.05
N LYS E 346 31.66 2.05 -26.60
CA LYS E 346 31.10 2.68 -27.78
C LYS E 346 30.86 1.64 -28.88
N LYS E 347 31.87 0.81 -29.12
CA LYS E 347 31.74 -0.20 -30.16
C LYS E 347 30.64 -1.20 -29.81
N ALA E 348 30.49 -1.50 -28.51
CA ALA E 348 29.46 -2.43 -28.08
C ALA E 348 28.07 -1.92 -28.46
N ILE E 349 27.89 -0.61 -28.45
CA ILE E 349 26.59 -0.04 -28.81
C ILE E 349 26.64 0.52 -30.23
N ASP E 350 27.52 -0.05 -31.04
CA ASP E 350 27.69 0.32 -32.43
C ASP E 350 28.01 1.79 -32.71
N LEU E 351 28.94 2.35 -31.95
CA LEU E 351 29.35 3.74 -32.12
C LEU E 351 30.86 3.83 -32.32
N MET F 1 -35.42 -2.65 35.75
CA MET F 1 -34.45 -2.48 34.62
C MET F 1 -34.61 -1.10 34.01
N LYS F 2 -33.60 -0.26 34.19
CA LYS F 2 -33.59 1.10 33.66
C LYS F 2 -32.38 1.25 32.73
N ILE F 3 -32.64 1.69 31.50
CA ILE F 3 -31.58 1.84 30.52
C ILE F 3 -31.40 3.31 30.12
N ALA F 4 -30.16 3.70 29.88
CA ALA F 4 -29.88 5.06 29.45
C ALA F 4 -29.11 4.96 28.14
N ILE F 5 -29.47 5.80 27.17
CA ILE F 5 -28.76 5.81 25.90
C ILE F 5 -28.36 7.25 25.63
N ILE F 6 -27.13 7.44 25.18
CA ILE F 6 -26.62 8.78 24.88
C ILE F 6 -25.79 8.73 23.60
N ASN F 7 -25.60 9.88 22.99
CA ASN F 7 -24.74 9.96 21.82
C ASN F 7 -23.47 10.55 22.42
N MET F 8 -22.33 9.93 22.15
CA MET F 8 -21.09 10.39 22.76
C MET F 8 -20.56 11.74 22.32
N GLY F 9 -21.00 12.26 21.17
CA GLY F 9 -20.45 13.52 20.73
C GLY F 9 -21.33 14.47 19.93
N ASN F 10 -22.64 14.27 20.00
CA ASN F 10 -23.57 15.11 19.28
C ASN F 10 -24.79 15.37 20.14
N ASN F 11 -25.30 16.59 20.08
CA ASN F 11 -26.49 16.95 20.83
C ASN F 11 -27.64 16.16 20.21
N VAL F 12 -28.63 15.82 21.02
CA VAL F 12 -29.78 15.07 20.53
C VAL F 12 -31.02 15.91 20.76
N ILE F 13 -31.75 16.20 19.69
CA ILE F 13 -32.96 17.00 19.78
C ILE F 13 -34.04 16.49 18.83
N ASN F 14 -33.74 16.47 17.54
CA ASN F 14 -34.70 16.04 16.53
C ASN F 14 -34.04 15.25 15.40
N PHE F 15 -34.65 15.28 14.22
CA PHE F 15 -34.11 14.55 13.08
C PHE F 15 -33.35 15.41 12.06
N LYS F 16 -33.01 16.64 12.46
CA LYS F 16 -32.27 17.53 11.56
C LYS F 16 -30.85 17.06 11.33
N THR F 17 -30.30 16.28 12.26
CA THR F 17 -28.94 15.77 12.09
C THR F 17 -28.98 14.23 12.13
N VAL F 18 -28.02 13.61 11.47
CA VAL F 18 -27.95 12.16 11.43
C VAL F 18 -27.71 11.56 12.82
N PRO F 19 -26.76 12.13 13.58
CA PRO F 19 -26.46 11.61 14.94
C PRO F 19 -27.64 11.68 15.89
N SER F 20 -28.36 12.80 15.87
CA SER F 20 -29.51 12.96 16.74
C SER F 20 -30.56 11.94 16.32
N SER F 21 -30.78 11.83 15.03
CA SER F 21 -31.75 10.89 14.48
C SER F 21 -31.47 9.45 14.88
N GLU F 22 -30.25 8.98 14.66
CA GLU F 22 -29.90 7.61 14.99
C GLU F 22 -30.15 7.33 16.47
N THR F 23 -29.85 8.30 17.32
CA THR F 23 -30.04 8.12 18.77
C THR F 23 -31.53 8.01 19.13
N ILE F 24 -32.36 8.85 18.53
CA ILE F 24 -33.80 8.83 18.82
C ILE F 24 -34.43 7.53 18.30
N TYR F 25 -34.04 7.10 17.10
CA TYR F 25 -34.57 5.86 16.55
C TYR F 25 -34.20 4.69 17.45
N LEU F 26 -32.96 4.66 17.92
CA LEU F 26 -32.52 3.58 18.80
C LEU F 26 -33.29 3.60 20.12
N PHE F 27 -33.52 4.80 20.65
CA PHE F 27 -34.28 4.97 21.88
C PHE F 27 -35.68 4.37 21.68
N LYS F 28 -36.30 4.75 20.56
CA LYS F 28 -37.64 4.28 20.23
C LYS F 28 -37.72 2.77 20.01
N VAL F 29 -36.80 2.22 19.22
CA VAL F 29 -36.84 0.79 18.94
C VAL F 29 -36.60 -0.03 20.21
N ILE F 30 -35.79 0.51 21.12
CA ILE F 30 -35.52 -0.17 22.37
C ILE F 30 -36.77 -0.08 23.25
N SER F 31 -37.43 1.08 23.24
CA SER F 31 -38.64 1.26 24.02
C SER F 31 -39.71 0.30 23.51
N GLU F 32 -39.78 0.15 22.19
CA GLU F 32 -40.78 -0.72 21.58
C GLU F 32 -40.53 -2.20 21.89
N MET F 33 -39.40 -2.48 22.54
CA MET F 33 -39.06 -3.83 22.97
C MET F 33 -39.66 -4.06 24.35
N GLY F 34 -40.28 -3.01 24.89
CA GLY F 34 -40.87 -3.11 26.21
C GLY F 34 -39.86 -2.81 27.30
N LEU F 35 -38.80 -2.10 26.93
CA LEU F 35 -37.75 -1.76 27.89
C LEU F 35 -37.87 -0.29 28.30
N ASN F 36 -37.57 -0.01 29.57
CA ASN F 36 -37.62 1.34 30.11
C ASN F 36 -36.30 2.02 29.78
N VAL F 37 -36.34 2.97 28.85
CA VAL F 37 -35.12 3.66 28.46
C VAL F 37 -35.27 5.17 28.34
N ASP F 38 -34.23 5.89 28.72
CA ASP F 38 -34.18 7.36 28.64
C ASP F 38 -33.00 7.77 27.77
N ILE F 39 -33.17 8.87 27.04
CA ILE F 39 -32.06 9.40 26.26
C ILE F 39 -31.55 10.54 27.14
N ILE F 40 -30.27 10.54 27.45
CA ILE F 40 -29.72 11.63 28.26
C ILE F 40 -28.89 12.47 27.29
N SER F 41 -29.13 13.78 27.28
CA SER F 41 -28.40 14.69 26.40
C SER F 41 -28.12 15.99 27.13
N LEU F 42 -27.72 17.03 26.40
CA LEU F 42 -27.39 18.31 27.02
C LEU F 42 -28.51 18.97 27.82
N LYS F 43 -29.72 18.94 27.29
CA LYS F 43 -30.85 19.56 27.97
C LYS F 43 -32.10 18.70 27.93
N ASN F 44 -33.09 19.09 28.73
CA ASN F 44 -34.36 18.38 28.74
C ASN F 44 -34.98 18.71 27.40
N GLY F 45 -35.79 17.79 26.88
CA GLY F 45 -36.43 18.04 25.60
C GLY F 45 -37.52 17.03 25.32
N VAL F 46 -38.06 17.07 24.10
CA VAL F 46 -39.12 16.17 23.71
C VAL F 46 -38.74 14.71 23.93
N TYR F 47 -37.50 14.35 23.57
CA TYR F 47 -37.03 12.99 23.70
C TYR F 47 -35.92 12.82 24.74
N THR F 48 -35.53 13.92 25.39
CA THR F 48 -34.39 13.83 26.30
C THR F 48 -34.50 14.37 27.72
N LYS F 49 -33.54 13.93 28.53
CA LYS F 49 -33.38 14.37 29.91
C LYS F 49 -31.95 14.89 29.95
N SER F 50 -31.71 15.95 30.72
CA SER F 50 -30.38 16.53 30.82
C SER F 50 -29.39 15.72 31.65
N PHE F 51 -28.12 15.73 31.25
CA PHE F 51 -27.06 15.01 31.99
C PHE F 51 -27.05 15.53 33.44
N ASP F 52 -27.34 16.81 33.58
CA ASP F 52 -27.32 17.48 34.89
C ASP F 52 -28.47 17.12 35.83
N GLU F 53 -29.56 16.59 35.30
CA GLU F 53 -30.71 16.26 36.14
C GLU F 53 -30.94 14.79 36.44
N VAL F 54 -29.97 13.94 36.09
CA VAL F 54 -30.10 12.52 36.36
C VAL F 54 -28.79 12.00 36.92
N ASP F 55 -28.86 10.86 37.62
CA ASP F 55 -27.67 10.23 38.18
C ASP F 55 -27.39 9.03 37.31
N VAL F 56 -26.25 9.03 36.62
CA VAL F 56 -25.89 7.93 35.73
C VAL F 56 -25.92 6.57 36.40
N ASN F 57 -25.65 6.51 37.70
CA ASN F 57 -25.64 5.22 38.36
C ASN F 57 -27.00 4.70 38.82
N ASP F 58 -28.06 5.33 38.33
CA ASP F 58 -29.42 4.86 38.61
C ASP F 58 -29.81 3.95 37.45
N TYR F 59 -28.95 3.93 36.42
CA TYR F 59 -29.21 3.11 35.24
C TYR F 59 -28.49 1.77 35.27
N ASP F 60 -29.24 0.72 34.96
CA ASP F 60 -28.72 -0.64 34.95
C ASP F 60 -27.86 -0.92 33.72
N ARG F 61 -28.11 -0.17 32.65
CA ARG F 61 -27.34 -0.34 31.42
C ARG F 61 -27.13 1.04 30.80
N LEU F 62 -25.91 1.33 30.38
CA LEU F 62 -25.59 2.60 29.76
C LEU F 62 -25.15 2.26 28.33
N ILE F 63 -25.93 2.74 27.36
CA ILE F 63 -25.64 2.49 25.95
C ILE F 63 -25.14 3.79 25.33
N VAL F 64 -24.06 3.70 24.55
CA VAL F 64 -23.47 4.89 23.94
C VAL F 64 -23.31 4.78 22.42
N VAL F 65 -23.93 5.70 21.69
CA VAL F 65 -23.83 5.73 20.24
C VAL F 65 -22.47 6.33 19.88
N ASN F 66 -21.73 5.64 19.02
CA ASN F 66 -20.41 6.12 18.65
C ASN F 66 -20.35 7.53 18.08
N SER F 67 -19.20 8.18 18.26
CA SER F 67 -18.97 9.52 17.74
C SER F 67 -17.46 9.76 17.74
N SER F 68 -17.03 10.81 17.05
CA SER F 68 -15.62 11.14 17.02
C SER F 68 -15.38 12.09 18.19
N ILE F 69 -14.12 12.38 18.47
CA ILE F 69 -13.75 13.32 19.51
C ILE F 69 -13.03 14.42 18.73
N ASN F 70 -13.81 15.37 18.25
CA ASN F 70 -13.29 16.45 17.45
C ASN F 70 -13.63 17.81 18.02
N PHE F 71 -12.62 18.50 18.55
CA PHE F 71 -12.85 19.83 19.12
C PHE F 71 -12.70 20.87 18.02
N PHE F 72 -13.75 21.01 17.22
CA PHE F 72 -13.78 21.96 16.12
C PHE F 72 -13.23 23.33 16.51
N GLY F 73 -12.34 23.86 15.67
CA GLY F 73 -11.74 25.14 15.94
C GLY F 73 -10.94 25.16 17.21
N GLY F 74 -10.62 23.97 17.73
CA GLY F 74 -9.86 23.87 18.96
C GLY F 74 -10.63 24.35 20.17
N LYS F 75 -11.95 24.50 20.01
CA LYS F 75 -12.79 24.96 21.11
C LYS F 75 -13.51 23.81 21.79
N PRO F 76 -13.97 24.01 23.03
CA PRO F 76 -14.68 22.96 23.75
C PRO F 76 -15.90 22.49 22.97
N ASN F 77 -16.19 21.20 23.06
CA ASN F 77 -17.35 20.62 22.41
C ASN F 77 -18.15 20.05 23.57
N LEU F 78 -19.19 20.76 23.99
CA LEU F 78 -20.00 20.33 25.13
C LEU F 78 -20.59 18.95 25.00
N ALA F 79 -21.03 18.58 23.81
CA ALA F 79 -21.61 17.26 23.62
C ALA F 79 -20.62 16.15 23.99
N ILE F 80 -19.38 16.28 23.53
CA ILE F 80 -18.37 15.26 23.84
C ILE F 80 -17.96 15.28 25.31
N LEU F 81 -17.66 16.47 25.80
CA LEU F 81 -17.23 16.63 27.18
C LEU F 81 -18.27 16.18 28.20
N SER F 82 -19.51 16.59 28.02
CA SER F 82 -20.57 16.20 28.95
C SER F 82 -20.85 14.70 28.91
N ALA F 83 -20.83 14.12 27.71
CA ALA F 83 -21.08 12.69 27.59
C ALA F 83 -20.00 11.84 28.26
N GLN F 84 -18.73 12.18 28.02
CA GLN F 84 -17.67 11.39 28.63
C GLN F 84 -17.63 11.59 30.15
N LYS F 85 -18.02 12.78 30.60
CA LYS F 85 -18.07 13.08 32.03
C LYS F 85 -19.15 12.16 32.63
N PHE F 86 -20.23 11.98 31.88
CA PHE F 86 -21.34 11.13 32.30
C PHE F 86 -20.84 9.67 32.33
N MET F 87 -20.15 9.27 31.27
CA MET F 87 -19.61 7.91 31.16
C MET F 87 -18.55 7.62 32.22
N ALA F 88 -17.73 8.62 32.53
CA ALA F 88 -16.67 8.47 33.52
C ALA F 88 -17.23 8.23 34.92
N LYS F 89 -18.41 8.79 35.18
CA LYS F 89 -19.06 8.65 36.48
C LYS F 89 -19.66 7.26 36.66
N TYR F 90 -20.09 6.65 35.56
CA TYR F 90 -20.70 5.32 35.59
C TYR F 90 -19.82 4.26 36.22
N LYS F 91 -20.43 3.34 36.95
CA LYS F 91 -19.66 2.29 37.63
C LYS F 91 -19.94 0.87 37.16
N SER F 92 -20.53 0.73 35.98
CA SER F 92 -20.80 -0.61 35.46
C SER F 92 -20.32 -0.68 34.01
N LYS F 93 -20.71 -1.73 33.29
CA LYS F 93 -20.25 -1.88 31.92
C LYS F 93 -20.95 -0.95 30.93
N ILE F 94 -20.17 -0.41 30.00
CA ILE F 94 -20.68 0.49 28.99
C ILE F 94 -20.78 -0.25 27.66
N TYR F 95 -21.91 -0.07 26.99
CA TYR F 95 -22.16 -0.72 25.70
C TYR F 95 -22.01 0.33 24.61
N TYR F 96 -20.95 0.21 23.83
CA TYR F 96 -20.64 1.15 22.76
C TYR F 96 -21.16 0.62 21.42
N LEU F 97 -22.11 1.34 20.83
CA LEU F 97 -22.67 0.93 19.55
C LEU F 97 -21.77 1.46 18.46
N PHE F 98 -21.04 0.55 17.83
CA PHE F 98 -20.08 0.86 16.79
C PHE F 98 -20.72 0.65 15.42
N THR F 99 -21.38 1.71 14.94
CA THR F 99 -22.08 1.67 13.66
C THR F 99 -21.27 2.30 12.52
N ASP F 100 -20.20 3.02 12.85
CA ASP F 100 -19.39 3.68 11.84
C ASP F 100 -17.92 3.38 12.10
N ILE F 101 -17.27 2.77 11.11
CA ILE F 101 -15.86 2.39 11.23
C ILE F 101 -14.93 3.54 11.60
N ARG F 102 -15.30 4.77 11.24
CA ARG F 102 -14.48 5.94 11.54
C ARG F 102 -14.60 6.39 13.00
N LEU F 103 -15.58 5.86 13.72
CA LEU F 103 -15.83 6.31 15.08
C LEU F 103 -15.62 5.35 16.23
N PRO F 104 -14.43 4.74 16.33
CA PRO F 104 -14.21 3.81 17.45
C PRO F 104 -14.12 4.60 18.75
N PHE F 105 -14.43 3.94 19.87
CA PHE F 105 -14.35 4.63 21.15
C PHE F 105 -12.93 5.12 21.40
N SER F 106 -12.80 6.31 22.00
CA SER F 106 -11.51 6.88 22.35
C SER F 106 -11.69 7.81 23.53
N GLN F 107 -10.62 8.03 24.30
CA GLN F 107 -10.66 8.90 25.48
C GLN F 107 -10.40 10.36 25.13
N SER F 108 -11.21 11.26 25.69
CA SER F 108 -11.02 12.69 25.43
C SER F 108 -9.95 13.28 26.33
N TRP F 109 -9.77 12.69 27.51
CA TRP F 109 -8.80 13.16 28.49
C TRP F 109 -7.41 13.48 27.95
N PRO F 110 -6.75 12.51 27.27
CA PRO F 110 -5.41 12.76 26.73
C PRO F 110 -5.35 13.97 25.81
N ASN F 111 -6.49 14.25 25.18
CA ASN F 111 -6.63 15.37 24.24
C ASN F 111 -6.91 16.66 25.01
N VAL F 112 -7.93 16.61 25.87
CA VAL F 112 -8.34 17.77 26.65
C VAL F 112 -7.28 18.32 27.60
N LYS F 113 -6.50 17.45 28.23
CA LYS F 113 -5.51 17.89 29.20
C LYS F 113 -4.45 18.89 28.71
N ASN F 114 -4.18 18.91 27.40
CA ASN F 114 -3.19 19.83 26.86
C ASN F 114 -3.78 21.06 26.17
N ARG F 115 -5.11 21.18 26.23
CA ARG F 115 -5.80 22.31 25.61
C ARG F 115 -5.66 23.60 26.41
N PRO F 116 -5.75 24.76 25.73
CA PRO F 116 -5.64 26.02 26.46
C PRO F 116 -6.71 26.10 27.55
N TRP F 117 -7.84 25.42 27.32
CA TRP F 117 -8.93 25.40 28.28
C TRP F 117 -8.97 24.12 29.11
N ALA F 118 -7.85 23.42 29.18
CA ALA F 118 -7.77 22.19 29.95
C ALA F 118 -8.22 22.36 31.40
N TYR F 119 -7.96 23.54 31.96
CA TYR F 119 -8.32 23.79 33.35
C TYR F 119 -9.80 23.56 33.66
N LEU F 120 -10.63 23.48 32.62
CA LEU F 120 -12.06 23.26 32.82
C LEU F 120 -12.43 21.84 33.24
N TYR F 121 -11.48 20.91 33.11
CA TYR F 121 -11.75 19.51 33.47
C TYR F 121 -10.60 18.82 34.20
N THR F 122 -10.93 17.77 34.95
CA THR F 122 -9.92 17.00 35.66
C THR F 122 -9.90 15.59 35.09
N GLU F 123 -8.81 14.87 35.34
CA GLU F 123 -8.69 13.50 34.86
C GLU F 123 -9.78 12.62 35.46
N GLU F 124 -10.01 12.76 36.77
CA GLU F 124 -11.03 11.95 37.42
C GLU F 124 -12.40 12.20 36.80
N GLU F 125 -12.59 13.40 36.29
CA GLU F 125 -13.85 13.82 35.70
C GLU F 125 -14.11 13.29 34.28
N LEU F 126 -13.05 13.19 33.47
CA LEU F 126 -13.20 12.76 32.08
C LEU F 126 -12.69 11.36 31.72
N LEU F 127 -11.70 10.85 32.44
CA LEU F 127 -11.14 9.53 32.12
C LEU F 127 -12.13 8.41 32.42
N ILE F 128 -12.54 7.70 31.36
CA ILE F 128 -13.50 6.60 31.49
C ILE F 128 -12.79 5.29 31.82
N LYS F 129 -13.03 4.78 33.04
CA LYS F 129 -12.40 3.55 33.50
C LYS F 129 -13.26 2.30 33.43
N SER F 130 -14.56 2.46 33.27
CA SER F 130 -15.45 1.31 33.19
C SER F 130 -15.11 0.40 32.02
N PRO F 131 -15.38 -0.91 32.16
CA PRO F 131 -15.08 -1.81 31.06
C PRO F 131 -16.07 -1.51 29.94
N ILE F 132 -15.66 -1.71 28.70
CA ILE F 132 -16.55 -1.42 27.57
C ILE F 132 -16.73 -2.63 26.67
N LYS F 133 -17.99 -2.84 26.26
CA LYS F 133 -18.32 -3.90 25.34
C LYS F 133 -18.72 -3.21 24.04
N VAL F 134 -17.97 -3.50 22.97
CA VAL F 134 -18.27 -2.92 21.67
C VAL F 134 -19.24 -3.83 20.94
N ILE F 135 -20.37 -3.26 20.53
CA ILE F 135 -21.36 -4.01 19.78
C ILE F 135 -21.09 -3.53 18.36
N SER F 136 -20.50 -4.42 17.57
CA SER F 136 -20.09 -4.12 16.20
C SER F 136 -21.15 -4.37 15.13
N GLN F 137 -21.40 -3.35 14.32
CA GLN F 137 -22.36 -3.47 13.24
C GLN F 137 -21.73 -4.35 12.17
N GLY F 138 -20.40 -4.36 12.15
CA GLY F 138 -19.66 -5.18 11.20
C GLY F 138 -19.49 -6.57 11.77
N ILE F 139 -19.61 -7.57 10.91
CA ILE F 139 -19.47 -8.96 11.33
C ILE F 139 -18.04 -9.37 11.68
N ASN F 140 -17.06 -8.70 11.05
CA ASN F 140 -15.64 -9.01 11.30
C ASN F 140 -15.16 -8.35 12.60
N LEU F 141 -15.07 -9.14 13.67
CA LEU F 141 -14.64 -8.61 14.95
C LEU F 141 -13.16 -8.29 15.04
N ASP F 142 -12.36 -8.86 14.15
CA ASP F 142 -10.94 -8.57 14.16
C ASP F 142 -10.76 -7.12 13.73
N ILE F 143 -11.57 -6.67 12.78
CA ILE F 143 -11.50 -5.30 12.31
C ILE F 143 -11.94 -4.37 13.43
N ALA F 144 -12.97 -4.79 14.16
CA ALA F 144 -13.48 -4.01 15.29
C ALA F 144 -12.42 -3.91 16.39
N LYS F 145 -11.76 -5.02 16.69
CA LYS F 145 -10.73 -5.04 17.72
C LYS F 145 -9.57 -4.12 17.35
N ALA F 146 -9.11 -4.23 16.11
CA ALA F 146 -7.99 -3.41 15.63
C ALA F 146 -8.32 -1.93 15.77
N ALA F 147 -9.56 -1.56 15.52
CA ALA F 147 -9.99 -0.17 15.62
C ALA F 147 -9.96 0.33 17.07
N HIS F 148 -10.02 -0.59 18.03
CA HIS F 148 -10.02 -0.22 19.45
C HIS F 148 -8.78 -0.66 20.21
N LYS F 149 -7.74 -1.06 19.48
CA LYS F 149 -6.51 -1.51 20.12
C LYS F 149 -5.89 -0.50 21.09
N LYS F 150 -6.09 0.79 20.82
CA LYS F 150 -5.53 1.84 21.67
C LYS F 150 -6.25 2.06 23.01
N VAL F 151 -7.40 1.42 23.19
CA VAL F 151 -8.16 1.55 24.43
C VAL F 151 -8.26 0.20 25.14
N ASP F 152 -7.53 0.08 26.24
CA ASP F 152 -7.49 -1.18 26.99
C ASP F 152 -8.74 -1.53 27.80
N ASN F 153 -9.62 -0.56 28.03
CA ASN F 153 -10.82 -0.86 28.81
C ASN F 153 -11.92 -1.46 27.93
N VAL F 154 -11.68 -1.55 26.63
CA VAL F 154 -12.64 -2.16 25.72
C VAL F 154 -12.22 -3.63 25.74
N ILE F 155 -12.93 -4.43 26.51
CA ILE F 155 -12.60 -5.85 26.68
C ILE F 155 -13.59 -6.86 26.15
N GLU F 156 -14.60 -6.40 25.40
CA GLU F 156 -15.59 -7.33 24.87
C GLU F 156 -16.10 -6.84 23.53
N PHE F 157 -16.33 -7.79 22.62
CA PHE F 157 -16.80 -7.49 21.27
C PHE F 157 -17.88 -8.48 20.83
N GLU F 158 -18.93 -7.97 20.21
CA GLU F 158 -20.01 -8.84 19.73
C GLU F 158 -20.67 -8.20 18.52
N TYR F 159 -20.89 -8.99 17.48
CA TYR F 159 -21.56 -8.48 16.29
C TYR F 159 -23.07 -8.47 16.47
N PHE F 160 -23.70 -7.41 15.99
CA PHE F 160 -25.15 -7.29 16.01
C PHE F 160 -25.51 -6.27 14.94
N PRO F 161 -26.45 -6.62 14.03
CA PRO F 161 -26.87 -5.72 12.96
C PRO F 161 -27.76 -4.58 13.47
N ILE F 162 -27.12 -3.65 14.16
CA ILE F 162 -27.79 -2.49 14.73
C ILE F 162 -28.65 -1.74 13.71
N GLU F 163 -28.10 -1.53 12.52
CA GLU F 163 -28.75 -0.76 11.46
C GLU F 163 -30.13 -1.20 10.98
N GLN F 164 -30.57 -2.40 11.38
CA GLN F 164 -31.89 -2.85 10.97
C GLN F 164 -32.98 -2.14 11.76
N TYR F 165 -32.61 -1.30 12.70
CA TYR F 165 -33.63 -0.61 13.50
C TYR F 165 -34.69 0.10 12.69
N LYS F 166 -34.35 0.68 11.55
CA LYS F 166 -35.37 1.36 10.77
C LYS F 166 -36.49 0.45 10.29
N ILE F 167 -36.16 -0.75 9.82
CA ILE F 167 -37.20 -1.66 9.35
C ILE F 167 -38.01 -2.33 10.47
N HIS F 168 -37.48 -2.32 11.69
CA HIS F 168 -38.20 -2.96 12.79
C HIS F 168 -39.08 -2.00 13.59
N MET F 169 -39.05 -0.72 13.25
CA MET F 169 -39.87 0.27 13.94
C MET F 169 -41.33 -0.14 13.79
N ASN F 170 -42.13 0.08 14.83
CA ASN F 170 -43.55 -0.28 14.79
C ASN F 170 -44.27 0.38 13.63
N ASP F 171 -43.97 1.64 13.37
CA ASP F 171 -44.63 2.37 12.29
C ASP F 171 -43.94 2.29 10.93
N PHE F 172 -43.04 1.33 10.75
CA PHE F 172 -42.36 1.21 9.47
C PHE F 172 -43.32 0.98 8.31
N GLN F 173 -43.00 1.59 7.18
CA GLN F 173 -43.79 1.45 5.97
C GLN F 173 -42.90 1.59 4.73
N LEU F 174 -43.18 0.78 3.72
CA LEU F 174 -42.43 0.87 2.46
C LEU F 174 -42.83 2.20 1.83
N SER F 175 -41.97 2.74 0.99
CA SER F 175 -42.27 3.98 0.30
C SER F 175 -43.32 3.66 -0.77
N LYS F 176 -44.16 4.63 -1.11
CA LYS F 176 -45.20 4.43 -2.11
C LYS F 176 -44.68 4.70 -3.54
N PRO F 177 -45.41 4.19 -4.55
CA PRO F 177 -44.98 4.42 -5.94
C PRO F 177 -44.82 5.92 -6.09
N THR F 178 -43.71 6.35 -6.67
CA THR F 178 -43.41 7.77 -6.79
C THR F 178 -43.11 8.25 -8.21
N LYS F 179 -43.60 9.44 -8.55
CA LYS F 179 -43.34 9.97 -9.89
C LYS F 179 -41.84 10.22 -9.95
N LYS F 180 -41.19 9.69 -10.99
CA LYS F 180 -39.74 9.80 -11.12
C LYS F 180 -39.24 11.10 -11.74
N THR F 181 -38.21 11.66 -11.11
CA THR F 181 -37.60 12.88 -11.59
C THR F 181 -36.09 12.72 -11.69
N LEU F 182 -35.59 11.54 -11.32
CA LEU F 182 -34.16 11.26 -11.37
C LEU F 182 -33.86 9.84 -11.84
N ASP F 183 -32.66 9.64 -12.39
CA ASP F 183 -32.26 8.32 -12.84
C ASP F 183 -31.60 7.58 -11.69
N VAL F 184 -30.69 8.26 -11.01
CA VAL F 184 -29.96 7.66 -9.88
C VAL F 184 -29.85 8.67 -8.75
N ILE F 185 -29.78 8.19 -7.52
CA ILE F 185 -29.65 9.07 -6.38
C ILE F 185 -28.83 8.42 -5.28
N TYR F 186 -28.18 9.24 -4.46
CA TYR F 186 -27.36 8.80 -3.35
C TYR F 186 -27.33 9.91 -2.32
N GLY F 187 -27.55 9.56 -1.06
CA GLY F 187 -27.54 10.56 -0.01
C GLY F 187 -26.48 10.23 1.03
N GLY F 188 -25.68 11.22 1.40
CA GLY F 188 -24.65 11.01 2.39
C GLY F 188 -23.69 12.16 2.49
N SER F 189 -22.67 12.03 3.32
CA SER F 189 -21.67 13.07 3.45
C SER F 189 -20.45 12.65 2.63
N PHE F 190 -19.41 13.47 2.65
CA PHE F 190 -18.19 13.15 1.92
C PHE F 190 -17.34 12.10 2.63
N ARG F 191 -17.63 11.84 3.89
CA ARG F 191 -16.90 10.85 4.68
C ARG F 191 -15.37 10.98 4.54
N SER F 192 -14.88 12.21 4.58
CA SER F 192 -13.45 12.49 4.49
C SER F 192 -12.75 11.85 3.29
N GLY F 193 -13.48 11.69 2.18
CA GLY F 193 -12.89 11.12 0.98
C GLY F 193 -12.64 9.62 0.98
N GLN F 194 -13.19 8.92 1.96
CA GLN F 194 -13.01 7.47 2.06
C GLN F 194 -13.63 6.68 0.90
N ARG F 195 -14.53 7.33 0.15
CA ARG F 195 -15.18 6.69 -1.00
C ARG F 195 -15.13 7.57 -2.22
N GLU F 196 -14.16 8.48 -2.28
CA GLU F 196 -14.10 9.38 -3.42
C GLU F 196 -14.07 8.65 -4.76
N SER F 197 -13.21 7.64 -4.87
CA SER F 197 -13.11 6.90 -6.12
C SER F 197 -14.45 6.27 -6.52
N LYS F 198 -15.13 5.63 -5.58
CA LYS F 198 -16.41 4.99 -5.85
C LYS F 198 -17.50 6.00 -6.19
N MET F 199 -17.52 7.12 -5.47
CA MET F 199 -18.52 8.16 -5.71
C MET F 199 -18.36 8.73 -7.13
N VAL F 200 -17.13 9.01 -7.53
CA VAL F 200 -16.90 9.54 -8.87
C VAL F 200 -17.22 8.48 -9.92
N GLU F 201 -16.83 7.24 -9.65
CA GLU F 201 -17.09 6.14 -10.57
C GLU F 201 -18.58 5.96 -10.88
N PHE F 202 -19.40 5.89 -9.84
CA PHE F 202 -20.82 5.65 -10.02
C PHE F 202 -21.75 6.86 -10.10
N LEU F 203 -21.29 8.04 -9.71
CA LEU F 203 -22.17 9.21 -9.73
C LEU F 203 -21.74 10.36 -10.63
N PHE F 204 -20.49 10.33 -11.09
CA PHE F 204 -19.97 11.39 -11.97
C PHE F 204 -19.76 10.90 -13.40
N ASP F 205 -19.85 11.82 -14.36
CA ASP F 205 -19.65 11.50 -15.76
C ASP F 205 -20.41 10.28 -16.29
N THR F 206 -21.66 10.12 -15.84
CA THR F 206 -22.47 8.98 -16.28
C THR F 206 -23.38 9.36 -17.45
N GLY F 207 -23.62 10.64 -17.62
CA GLY F 207 -24.50 11.09 -18.67
C GLY F 207 -25.95 10.92 -18.24
N LEU F 208 -26.14 10.46 -17.01
CA LEU F 208 -27.49 10.27 -16.45
C LEU F 208 -27.88 11.42 -15.53
N ASN F 209 -29.16 11.46 -15.17
CA ASN F 209 -29.68 12.48 -14.27
C ASN F 209 -29.47 11.96 -12.85
N ILE F 210 -28.39 12.39 -12.22
CA ILE F 210 -28.09 11.93 -10.88
C ILE F 210 -28.07 13.04 -9.86
N GLU F 211 -28.55 12.74 -8.65
CA GLU F 211 -28.55 13.72 -7.58
C GLU F 211 -27.84 13.14 -6.37
N PHE F 212 -27.00 13.97 -5.74
CA PHE F 212 -26.25 13.57 -4.56
C PHE F 212 -26.77 14.48 -3.44
N PHE F 213 -27.61 13.95 -2.56
CA PHE F 213 -28.11 14.77 -1.46
C PHE F 213 -27.34 14.46 -0.18
N GLY F 214 -27.46 15.33 0.80
CA GLY F 214 -26.72 15.14 2.04
C GLY F 214 -25.79 16.31 2.21
N ASN F 215 -24.78 16.15 3.07
CA ASN F 215 -23.87 17.27 3.32
C ASN F 215 -22.59 17.27 2.50
N ALA F 216 -22.55 16.49 1.43
CA ALA F 216 -21.39 16.46 0.56
C ALA F 216 -21.52 17.63 -0.42
N ARG F 217 -20.39 18.12 -0.91
CA ARG F 217 -20.40 19.24 -1.86
C ARG F 217 -19.43 19.01 -3.00
N GLU F 218 -19.78 19.51 -4.17
CA GLU F 218 -18.97 19.36 -5.36
C GLU F 218 -17.50 19.74 -5.12
N LYS F 219 -17.29 20.84 -4.40
CA LYS F 219 -15.95 21.32 -4.11
C LYS F 219 -15.05 20.34 -3.36
N GLN F 220 -15.63 19.34 -2.70
CA GLN F 220 -14.83 18.38 -1.94
C GLN F 220 -14.19 17.32 -2.84
N PHE F 221 -14.68 17.18 -4.07
CA PHE F 221 -14.14 16.21 -5.01
C PHE F 221 -13.07 16.88 -5.85
N LYS F 222 -11.84 16.85 -5.35
CA LYS F 222 -10.73 17.50 -6.04
C LYS F 222 -9.45 16.67 -6.10
N ASN F 223 -9.51 15.39 -5.77
CA ASN F 223 -8.31 14.56 -5.84
C ASN F 223 -7.99 14.29 -7.30
N PRO F 224 -6.78 14.67 -7.75
CA PRO F 224 -6.39 14.45 -9.14
C PRO F 224 -6.41 12.97 -9.55
N LYS F 225 -6.44 12.08 -8.57
CA LYS F 225 -6.46 10.66 -8.87
C LYS F 225 -7.84 10.20 -9.33
N TYR F 226 -8.87 10.99 -8.99
CA TYR F 226 -10.25 10.64 -9.36
C TYR F 226 -10.90 11.79 -10.12
N PRO F 227 -10.36 12.12 -11.31
CA PRO F 227 -10.84 13.20 -12.16
C PRO F 227 -12.26 13.05 -12.69
N TRP F 228 -12.90 14.19 -12.96
CA TRP F 228 -14.26 14.18 -13.47
C TRP F 228 -14.55 15.47 -14.21
N THR F 229 -15.54 15.44 -15.09
CA THR F 229 -15.94 16.62 -15.86
C THR F 229 -17.38 16.98 -15.55
N LYS F 230 -18.24 15.96 -15.46
CA LYS F 230 -19.65 16.18 -15.16
C LYS F 230 -19.95 15.67 -13.76
N ALA F 231 -20.55 16.52 -12.94
CA ALA F 231 -20.87 16.13 -11.58
C ALA F 231 -22.36 15.92 -11.38
N PRO F 232 -22.75 15.18 -10.34
CA PRO F 232 -24.18 14.98 -10.13
C PRO F 232 -24.68 16.30 -9.52
N VAL F 233 -25.99 16.47 -9.44
CA VAL F 233 -26.55 17.67 -8.85
C VAL F 233 -26.54 17.52 -7.34
N PHE F 234 -25.89 18.44 -6.63
CA PHE F 234 -25.82 18.38 -5.18
C PHE F 234 -26.94 19.21 -4.57
N THR F 235 -27.73 18.59 -3.68
CA THR F 235 -28.80 19.29 -3.02
C THR F 235 -28.54 19.19 -1.51
N GLY F 236 -29.19 20.02 -0.71
CA GLY F 236 -28.93 20.00 0.72
C GLY F 236 -29.25 18.72 1.48
N LYS F 237 -29.01 18.77 2.77
CA LYS F 237 -29.27 17.60 3.59
C LYS F 237 -30.76 17.62 3.97
N ILE F 238 -31.36 16.47 4.22
CA ILE F 238 -32.77 16.34 4.56
C ILE F 238 -32.87 15.51 5.84
N PRO F 239 -33.97 15.66 6.59
CA PRO F 239 -34.13 14.91 7.85
C PRO F 239 -33.98 13.41 7.60
N MET F 240 -33.40 12.70 8.55
CA MET F 240 -33.20 11.27 8.37
C MET F 240 -34.48 10.46 8.17
N ASN F 241 -35.58 10.88 8.80
CA ASN F 241 -36.82 10.13 8.65
C ASN F 241 -37.45 10.26 7.27
N MET F 242 -36.87 11.10 6.42
CA MET F 242 -37.39 11.30 5.07
C MET F 242 -36.48 10.75 3.99
N VAL F 243 -35.42 10.05 4.39
CA VAL F 243 -34.46 9.50 3.43
C VAL F 243 -35.05 8.53 2.41
N SER F 244 -35.85 7.56 2.86
CA SER F 244 -36.43 6.62 1.89
C SER F 244 -37.36 7.37 0.93
N GLU F 245 -38.03 8.40 1.43
CA GLU F 245 -38.92 9.18 0.56
C GLU F 245 -38.11 9.94 -0.49
N LYS F 246 -36.95 10.44 -0.10
CA LYS F 246 -36.08 11.15 -1.03
C LYS F 246 -35.55 10.18 -2.08
N ASN F 247 -35.08 9.02 -1.62
CA ASN F 247 -34.54 8.00 -2.53
C ASN F 247 -35.58 7.65 -3.61
N SER F 248 -36.84 7.62 -3.20
CA SER F 248 -37.94 7.27 -4.09
C SER F 248 -38.14 8.16 -5.32
N GLN F 249 -37.48 9.31 -5.37
CA GLN F 249 -37.62 10.19 -6.52
C GLN F 249 -36.84 9.66 -7.71
N ALA F 250 -35.96 8.69 -7.46
CA ALA F 250 -35.13 8.15 -8.52
C ALA F 250 -35.50 6.74 -8.97
N ILE F 251 -35.09 6.42 -10.19
CA ILE F 251 -35.32 5.10 -10.77
C ILE F 251 -34.54 4.08 -9.95
N ALA F 252 -33.32 4.45 -9.56
CA ALA F 252 -32.46 3.57 -8.78
C ALA F 252 -31.65 4.38 -7.78
N ALA F 253 -31.20 3.71 -6.71
CA ALA F 253 -30.38 4.35 -5.69
C ALA F 253 -29.15 3.47 -5.48
N LEU F 254 -28.00 4.12 -5.31
CA LEU F 254 -26.72 3.44 -5.17
C LEU F 254 -26.27 3.01 -3.77
N ILE F 255 -25.69 1.81 -3.70
CA ILE F 255 -25.15 1.31 -2.45
C ILE F 255 -23.64 1.12 -2.61
N ILE F 256 -22.86 1.90 -1.86
CA ILE F 256 -21.41 1.79 -1.83
C ILE F 256 -21.00 1.92 -0.37
N GLY F 257 -19.77 1.56 -0.04
CA GLY F 257 -19.31 1.66 1.33
C GLY F 257 -17.82 1.92 1.44
N ASP F 258 -17.33 2.04 2.67
CA ASP F 258 -15.90 2.24 2.93
C ASP F 258 -15.24 0.90 2.67
N LYS F 259 -13.93 0.90 2.49
CA LYS F 259 -13.21 -0.35 2.25
C LYS F 259 -13.52 -1.41 3.32
N ASN F 260 -13.50 -1.00 4.58
CA ASN F 260 -13.77 -1.94 5.67
C ASN F 260 -15.24 -2.33 5.83
N TYR F 261 -16.09 -1.81 4.94
CA TYR F 261 -17.50 -2.17 4.99
C TYR F 261 -17.76 -3.35 4.04
N ASN F 262 -16.92 -3.49 3.03
CA ASN F 262 -17.10 -4.57 2.06
C ASN F 262 -17.20 -5.94 2.72
N ASP F 263 -18.27 -6.67 2.39
CA ASP F 263 -18.50 -8.00 2.94
C ASP F 263 -18.38 -8.00 4.45
N ASN F 264 -18.71 -6.89 5.08
CA ASN F 264 -18.57 -6.77 6.53
C ASN F 264 -19.73 -6.04 7.20
N PHE F 265 -20.04 -4.85 6.70
CA PHE F 265 -21.13 -4.04 7.24
C PHE F 265 -22.34 -4.01 6.30
N ILE F 266 -23.53 -4.06 6.89
CA ILE F 266 -24.75 -3.88 6.13
C ILE F 266 -25.14 -2.54 6.74
N THR F 267 -25.12 -1.48 5.94
CA THR F 267 -25.42 -0.15 6.43
C THR F 267 -26.88 0.27 6.35
N LEU F 268 -27.21 1.35 7.06
CA LEU F 268 -28.57 1.88 7.08
C LEU F 268 -29.13 2.09 5.68
N ARG F 269 -28.31 2.66 4.79
CA ARG F 269 -28.76 2.93 3.43
C ARG F 269 -29.24 1.69 2.70
N VAL F 270 -28.72 0.52 3.06
CA VAL F 270 -29.18 -0.71 2.41
C VAL F 270 -30.69 -0.83 2.65
N TRP F 271 -31.10 -0.66 3.90
CA TRP F 271 -32.51 -0.75 4.24
C TRP F 271 -33.32 0.45 3.73
N GLU F 272 -32.74 1.64 3.80
CA GLU F 272 -33.44 2.84 3.34
C GLU F 272 -33.71 2.77 1.84
N THR F 273 -32.78 2.15 1.11
CA THR F 273 -32.91 2.02 -0.32
C THR F 273 -33.86 0.86 -0.64
N MET F 274 -33.67 -0.26 0.06
CA MET F 274 -34.52 -1.42 -0.18
C MET F 274 -36.00 -1.08 0.09
N ALA F 275 -36.25 -0.27 1.11
CA ALA F 275 -37.62 0.11 1.47
C ALA F 275 -38.21 1.19 0.57
N SER F 276 -37.37 1.83 -0.24
CA SER F 276 -37.83 2.92 -1.11
C SER F 276 -38.43 2.44 -2.42
N ASP F 277 -38.87 3.40 -3.22
CA ASP F 277 -39.45 3.12 -4.52
C ASP F 277 -38.36 3.13 -5.61
N ALA F 278 -37.11 3.21 -5.18
CA ALA F 278 -35.97 3.21 -6.09
C ALA F 278 -35.34 1.82 -6.07
N VAL F 279 -34.94 1.32 -7.25
CA VAL F 279 -34.32 0.01 -7.32
C VAL F 279 -32.93 0.10 -6.73
N MET F 280 -32.63 -0.82 -5.83
CA MET F 280 -31.34 -0.84 -5.17
C MET F 280 -30.27 -1.41 -6.10
N LEU F 281 -29.24 -0.62 -6.39
CA LEU F 281 -28.13 -1.09 -7.23
C LEU F 281 -26.89 -1.06 -6.36
N ILE F 282 -26.32 -2.25 -6.14
CA ILE F 282 -25.18 -2.43 -5.26
C ILE F 282 -23.83 -2.65 -5.95
N ASP F 283 -22.80 -1.97 -5.43
CA ASP F 283 -21.44 -2.14 -5.94
C ASP F 283 -21.04 -3.57 -5.61
N GLU F 284 -20.69 -4.35 -6.64
CA GLU F 284 -20.30 -5.74 -6.46
C GLU F 284 -19.30 -5.91 -5.31
N GLU F 285 -18.31 -5.02 -5.26
CA GLU F 285 -17.26 -5.05 -4.25
C GLU F 285 -17.78 -4.95 -2.81
N PHE F 286 -18.92 -4.29 -2.63
CA PHE F 286 -19.51 -4.11 -1.30
C PHE F 286 -20.10 -5.39 -0.72
N ASP F 287 -20.57 -6.28 -1.59
CA ASP F 287 -21.20 -7.52 -1.17
C ASP F 287 -20.93 -8.57 -2.26
N THR F 288 -19.68 -9.04 -2.32
CA THR F 288 -19.24 -10.00 -3.32
C THR F 288 -19.94 -11.36 -3.34
N LYS F 289 -20.51 -11.75 -2.21
CA LYS F 289 -21.20 -13.04 -2.13
C LYS F 289 -22.70 -12.85 -2.31
N HIS F 290 -23.12 -11.62 -2.60
CA HIS F 290 -24.53 -11.30 -2.80
C HIS F 290 -25.40 -11.76 -1.62
N ARG F 291 -25.02 -11.35 -0.41
CA ARG F 291 -25.78 -11.72 0.77
C ARG F 291 -27.02 -10.86 0.92
N ILE F 292 -26.99 -9.65 0.37
CA ILE F 292 -28.13 -8.75 0.48
C ILE F 292 -29.32 -9.25 -0.35
N ILE F 293 -29.08 -9.59 -1.62
CA ILE F 293 -30.12 -10.12 -2.48
C ILE F 293 -29.52 -11.10 -3.45
N ASN F 294 -30.07 -12.32 -3.47
CA ASN F 294 -29.59 -13.39 -4.34
C ASN F 294 -30.09 -13.22 -5.77
N ASP F 295 -29.72 -12.10 -6.39
CA ASP F 295 -30.13 -11.78 -7.75
C ASP F 295 -29.09 -10.83 -8.32
N ALA F 296 -28.28 -11.32 -9.25
CA ALA F 296 -27.21 -10.53 -9.85
C ALA F 296 -27.66 -9.22 -10.49
N ARG F 297 -28.95 -9.11 -10.82
CA ARG F 297 -29.45 -7.90 -11.45
C ARG F 297 -29.34 -6.65 -10.58
N PHE F 298 -29.25 -6.83 -9.25
CA PHE F 298 -29.14 -5.69 -8.36
C PHE F 298 -27.69 -5.28 -8.13
N TYR F 299 -26.76 -5.94 -8.83
CA TYR F 299 -25.34 -5.64 -8.66
C TYR F 299 -24.66 -5.07 -9.91
N VAL F 300 -23.80 -4.08 -9.68
CA VAL F 300 -23.05 -3.44 -10.76
C VAL F 300 -21.58 -3.39 -10.37
N ASN F 301 -20.71 -3.69 -11.35
CA ASN F 301 -19.27 -3.71 -11.12
C ASN F 301 -18.57 -2.39 -11.41
N ASN F 302 -19.14 -1.58 -12.29
CA ASN F 302 -18.52 -0.32 -12.66
C ASN F 302 -19.50 0.67 -13.28
N ARG F 303 -19.00 1.83 -13.67
CA ARG F 303 -19.83 2.86 -14.28
C ARG F 303 -20.61 2.37 -15.49
N ALA F 304 -19.93 1.63 -16.36
CA ALA F 304 -20.57 1.11 -17.57
C ALA F 304 -21.77 0.23 -17.27
N GLU F 305 -21.61 -0.68 -16.32
CA GLU F 305 -22.71 -1.57 -15.96
C GLU F 305 -23.84 -0.80 -15.29
N LEU F 306 -23.50 0.21 -14.50
CA LEU F 306 -24.52 1.02 -13.83
C LEU F 306 -25.38 1.74 -14.86
N ILE F 307 -24.74 2.35 -15.84
CA ILE F 307 -25.45 3.07 -16.90
C ILE F 307 -26.34 2.09 -17.66
N ASP F 308 -25.79 0.94 -18.00
CA ASP F 308 -26.52 -0.08 -18.74
C ASP F 308 -27.75 -0.53 -17.95
N ARG F 309 -27.54 -0.84 -16.67
CA ARG F 309 -28.62 -1.30 -15.80
C ARG F 309 -29.73 -0.26 -15.66
N VAL F 310 -29.35 0.99 -15.43
CA VAL F 310 -30.33 2.06 -15.28
C VAL F 310 -31.15 2.21 -16.55
N ASN F 311 -30.49 2.13 -17.70
CA ASN F 311 -31.22 2.26 -18.97
C ASN F 311 -32.21 1.12 -19.17
N GLU F 312 -31.83 -0.10 -18.78
CA GLU F 312 -32.74 -1.23 -18.92
C GLU F 312 -33.95 -1.03 -18.01
N LEU F 313 -33.73 -0.42 -16.85
CA LEU F 313 -34.81 -0.17 -15.91
C LEU F 313 -35.75 0.90 -16.47
N LYS F 314 -35.17 1.90 -17.11
CA LYS F 314 -35.96 2.98 -17.68
C LYS F 314 -36.69 2.53 -18.94
N HIS F 315 -36.16 1.51 -19.59
CA HIS F 315 -36.75 0.99 -20.81
C HIS F 315 -37.89 0.02 -20.54
N SER F 316 -37.79 -0.74 -19.45
CA SER F 316 -38.83 -1.70 -19.10
C SER F 316 -39.45 -1.46 -17.73
N ASP F 317 -40.71 -1.01 -17.73
CA ASP F 317 -41.40 -0.76 -16.48
C ASP F 317 -41.71 -2.10 -15.81
N VAL F 318 -41.83 -3.15 -16.61
CA VAL F 318 -42.09 -4.48 -16.10
C VAL F 318 -40.90 -4.97 -15.28
N LEU F 319 -39.69 -4.68 -15.76
CA LEU F 319 -38.48 -5.08 -15.07
C LEU F 319 -38.31 -4.28 -13.78
N ARG F 320 -38.49 -2.97 -13.89
CA ARG F 320 -38.35 -2.09 -12.75
C ARG F 320 -39.31 -2.50 -11.63
N LYS F 321 -40.58 -2.71 -11.98
CA LYS F 321 -41.55 -3.11 -10.98
C LYS F 321 -41.27 -4.50 -10.43
N GLU F 322 -40.75 -5.39 -11.26
CA GLU F 322 -40.43 -6.74 -10.79
C GLU F 322 -39.31 -6.68 -9.74
N MET F 323 -38.27 -5.91 -10.03
CA MET F 323 -37.15 -5.80 -9.10
C MET F 323 -37.54 -5.10 -7.79
N LEU F 324 -38.42 -4.10 -7.88
CA LEU F 324 -38.88 -3.42 -6.67
C LEU F 324 -39.67 -4.40 -5.82
N SER F 325 -40.45 -5.26 -6.47
CA SER F 325 -41.24 -6.25 -5.75
C SER F 325 -40.32 -7.22 -4.99
N ILE F 326 -39.24 -7.61 -5.64
CA ILE F 326 -38.28 -8.53 -5.06
C ILE F 326 -37.57 -7.93 -3.84
N GLN F 327 -37.02 -6.73 -3.99
CA GLN F 327 -36.33 -6.13 -2.85
C GLN F 327 -37.30 -5.86 -1.71
N HIS F 328 -38.54 -5.50 -2.02
CA HIS F 328 -39.50 -5.27 -0.95
C HIS F 328 -39.80 -6.59 -0.25
N ASP F 329 -39.91 -7.66 -1.03
CA ASP F 329 -40.18 -8.99 -0.48
C ASP F 329 -39.03 -9.42 0.43
N ILE F 330 -37.80 -9.18 -0.02
CA ILE F 330 -36.65 -9.57 0.77
C ILE F 330 -36.62 -8.78 2.07
N LEU F 331 -36.99 -7.50 2.00
CA LEU F 331 -36.99 -6.67 3.19
C LEU F 331 -38.06 -7.17 4.17
N ASN F 332 -39.24 -7.49 3.65
CA ASN F 332 -40.32 -7.97 4.50
C ASN F 332 -40.00 -9.30 5.19
N LYS F 333 -39.18 -10.12 4.56
CA LYS F 333 -38.80 -11.41 5.14
C LYS F 333 -37.89 -11.20 6.35
N THR F 334 -37.11 -10.12 6.31
CA THR F 334 -36.22 -9.81 7.43
C THR F 334 -37.06 -9.22 8.56
N ARG F 335 -38.07 -8.44 8.20
CA ARG F 335 -38.96 -7.84 9.20
C ARG F 335 -39.72 -8.92 9.95
N ALA F 336 -39.98 -10.03 9.27
CA ALA F 336 -40.71 -11.14 9.87
C ALA F 336 -39.91 -11.76 11.01
N LYS F 337 -38.61 -11.50 11.04
CA LYS F 337 -37.73 -12.03 12.09
C LYS F 337 -37.51 -11.01 13.20
N LYS F 338 -38.43 -10.07 13.32
CA LYS F 338 -38.33 -9.02 14.33
C LYS F 338 -38.00 -9.52 15.73
N ALA F 339 -38.77 -10.51 16.21
CA ALA F 339 -38.56 -11.06 17.54
C ALA F 339 -37.14 -11.56 17.72
N GLU F 340 -36.61 -12.22 16.69
CA GLU F 340 -35.26 -12.75 16.75
C GLU F 340 -34.23 -11.61 16.87
N TRP F 341 -34.49 -10.52 16.17
CA TRP F 341 -33.60 -9.36 16.19
C TRP F 341 -33.63 -8.72 17.59
N GLN F 342 -34.83 -8.54 18.12
CA GLN F 342 -35.00 -7.94 19.45
C GLN F 342 -34.28 -8.80 20.49
N ASP F 343 -34.48 -10.12 20.42
CA ASP F 343 -33.85 -11.04 21.36
C ASP F 343 -32.33 -10.96 21.29
N ALA F 344 -31.80 -10.85 20.08
CA ALA F 344 -30.35 -10.77 19.89
C ALA F 344 -29.85 -9.46 20.47
N PHE F 345 -30.62 -8.39 20.33
CA PHE F 345 -30.18 -7.10 20.87
C PHE F 345 -30.16 -7.16 22.39
N LYS F 346 -31.21 -7.71 22.99
CA LYS F 346 -31.27 -7.81 24.43
C LYS F 346 -30.06 -8.61 24.94
N LYS F 347 -29.75 -9.70 24.24
CA LYS F 347 -28.61 -10.53 24.62
C LYS F 347 -27.31 -9.73 24.52
N ALA F 348 -27.23 -8.89 23.50
CA ALA F 348 -26.05 -8.06 23.28
C ALA F 348 -25.80 -7.12 24.44
N ILE F 349 -26.86 -6.66 25.08
CA ILE F 349 -26.70 -5.77 26.23
C ILE F 349 -26.93 -6.51 27.55
N ASP F 350 -26.68 -7.81 27.52
CA ASP F 350 -26.80 -8.66 28.69
C ASP F 350 -28.17 -8.71 29.39
N LEU F 351 -29.23 -8.81 28.60
CA LEU F 351 -30.58 -8.89 29.15
C LEU F 351 -31.23 -10.21 28.72
N1 UDP G . 24.49 -1.81 -2.57
C2 UDP G . 24.08 -0.53 -2.27
N3 UDP G . 23.67 -0.33 -0.98
C4 UDP G . 23.63 -1.28 0.03
C5 UDP G . 24.10 -2.58 -0.34
C6 UDP G . 24.51 -2.79 -1.61
O2 UDP G . 24.07 0.38 -3.10
O4 UDP G . 23.15 -0.98 1.13
C1' UDP G . 24.92 -2.08 -3.95
C2' UDP G . 26.44 -2.05 -4.17
O2' UDP G . 26.71 -1.39 -5.39
C3' UDP G . 26.78 -3.54 -4.20
C4' UDP G . 25.58 -4.12 -4.88
O4' UDP G . 24.46 -3.37 -4.32
O3' UDP G . 27.95 -3.80 -4.99
C5' UDP G . 25.38 -5.61 -4.68
O5' UDP G . 24.22 -6.05 -5.38
PA UDP G . 23.66 -7.53 -5.17
O1A UDP G . 23.09 -7.58 -3.79
O2A UDP G . 22.81 -7.89 -6.33
O3A UDP G . 25.01 -8.45 -5.14
PB UDP G . 26.09 -8.78 -6.32
O1B UDP G . 26.32 -7.49 -7.07
O2B UDP G . 25.43 -9.86 -7.16
O3B UDP G . 27.32 -9.29 -5.57
C TRS H . 23.35 -5.73 -9.51
C1 TRS H . 23.76 -5.86 -11.04
C2 TRS H . 22.11 -4.76 -9.50
C3 TRS H . 24.43 -5.06 -8.65
N TRS H . 23.05 -7.05 -9.12
O1 TRS H . 24.43 -4.61 -11.31
O2 TRS H . 21.07 -5.29 -10.35
O3 TRS H . 25.74 -5.67 -8.83
C TRS I . 38.43 -4.55 -22.18
C1 TRS I . 39.33 -5.05 -20.98
C2 TRS I . 37.55 -3.42 -21.55
C3 TRS I . 37.45 -5.63 -22.65
N TRS I . 39.35 -4.11 -23.17
O1 TRS I . 40.25 -3.96 -20.77
O2 TRS I . 37.24 -2.44 -22.56
O3 TRS I . 36.98 -5.45 -24.01
C1 MPD J . 40.82 -8.25 -13.55
C2 MPD J . 40.17 -7.48 -14.72
O2 MPD J . 38.84 -7.35 -14.49
CM MPD J . 40.80 -6.09 -14.83
C3 MPD J . 40.41 -8.24 -16.04
C4 MPD J . 39.58 -9.53 -16.13
O4 MPD J . 38.19 -9.21 -16.07
C5 MPD J . 39.90 -10.28 -17.44
N1 UDP K . -28.69 10.94 5.70
C2 UDP K . -29.66 11.81 6.19
N3 UDP K . -29.89 12.91 5.41
C4 UDP K . -29.26 13.25 4.23
C5 UDP K . -28.29 12.31 3.79
C6 UDP K . -28.04 11.21 4.52
O2 UDP K . -30.27 11.60 7.22
O4 UDP K . -29.57 14.31 3.68
C1' UDP K . -28.39 9.75 6.51
C2' UDP K . -29.12 8.49 6.03
O2' UDP K . -29.54 7.74 7.16
C3' UDP K . -28.03 7.78 5.23
C4' UDP K . -26.79 8.12 6.03
O4' UDP K . -27.00 9.50 6.44
O3' UDP K . -28.20 6.37 5.23
C5' UDP K . -25.47 7.98 5.29
O5' UDP K . -24.40 8.33 6.15
PA UDP K . -22.91 8.38 5.59
O1A UDP K . -22.80 9.56 4.69
O2A UDP K . -21.98 8.25 6.75
O3A UDP K . -22.79 7.05 4.67
PB UDP K . -22.76 5.48 5.07
O1B UDP K . -23.85 5.24 6.11
O2B UDP K . -21.36 5.18 5.59
O3B UDP K . -23.05 4.77 3.75
C TRS L . -23.72 6.50 10.08
C1 TRS L . -25.04 6.37 9.19
C2 TRS L . -23.62 5.15 10.90
C3 TRS L . -23.85 7.64 11.11
N TRS L . -22.68 6.68 9.14
O1 TRS L . -24.82 5.15 8.46
O2 TRS L . -24.85 4.91 11.60
O3 TRS L . -22.70 7.75 12.01
C TRS M . -25.31 0.54 39.02
C1 TRS M . -24.69 1.28 37.75
C2 TRS M . -24.47 -0.78 39.18
C3 TRS M . -26.78 0.12 38.77
N TRS M . -25.13 1.45 40.10
O1 TRS M . -23.39 1.70 38.19
O2 TRS M . -24.73 -1.69 38.09
O3 TRS M . -27.38 -0.62 39.87
C TRS N . -39.27 14.94 0.04
C1 TRS N . -39.16 16.04 -1.11
C2 TRS N . -40.23 15.56 1.14
C3 TRS N . -37.93 14.57 0.73
N TRS N . -39.86 13.84 -0.64
O1 TRS N . -38.24 17.03 -0.59
O2 TRS N . -39.70 16.78 1.67
O3 TRS N . -37.28 15.66 1.46
C1 MPD O . -34.78 11.19 -15.31
C2 MPD O . -36.24 10.79 -15.60
O2 MPD O . -36.38 10.49 -16.92
CM MPD O . -36.61 9.58 -14.76
C3 MPD O . -37.16 11.97 -15.22
C4 MPD O . -37.34 12.98 -16.38
O4 MPD O . -37.98 12.32 -17.49
C5 MPD O . -38.16 14.18 -15.92
C1 MPD P . -24.24 -11.68 8.83
C2 MPD P . -23.99 -11.30 7.36
O2 MPD P . -22.94 -10.44 7.31
CM MPD P . -23.65 -12.55 6.55
C3 MPD P . -25.24 -10.59 6.76
C4 MPD P . -26.59 -11.29 7.06
O4 MPD P . -27.65 -10.47 6.58
C5 MPD P . -26.67 -12.68 6.41
#